data_7KWB
#
_entry.id   7KWB
#
_cell.length_a   174.101
_cell.length_b   182.141
_cell.length_c   92.295
_cell.angle_alpha   90.000
_cell.angle_beta   90.000
_cell.angle_gamma   90.000
#
_symmetry.space_group_name_H-M   'C 2 2 21'
#
loop_
_entity.id
_entity.type
_entity.pdbx_description
1 polymer BtSGBP-B
2 water water
#
_entity_poly.entity_id   1
_entity_poly.type   'polypeptide(L)'
_entity_poly.pdbx_seq_one_letter_code
;MKKIYKQISGALLMLTLILNITACSPESFTSPNEAGIPVVSDYEDCIRIDVNQETNYVTFSFQGQKGVMPIWIIDGKNYS
SSFNMTKYYRKAGDYSVEVKIANSNGVSDRAITRNFHIDKTIMTGFGGFDPESNFNIWRTATISEPTFWYAPGWSQIADP
AYSLVNGTYTVTLPEATSETWQAQMPIKTNIATDAGKNYDFSVILTSTIDHPNVTVKLVDATEDKIYYFEGKTPLVANEP
VCFWKSNMPGLDIANLNLVFDFGGNAAGTVMTIESIVLKDHANDDGTIVPEQEETPEPTWSAVDSEDNLWHSVTFTNEFY
YAPGWNPIANPALNIDGATYTLNFPTATNEKWQNQVTFISDALTASAEENYDFRVILNASNDISSATIKLVQVGGGDNDN
IFVFLLEDVKLTAGEDVTAKVINAKGVDITQAKLVFDFGGNPANTEVIIKDIILQKHKD
;
_entity_poly.pdbx_strand_id   A,B
#
# COMPACT_ATOMS: atom_id res chain seq x y z
N PRO A 38 10.81 -61.12 -15.11
CA PRO A 38 11.97 -60.36 -14.59
C PRO A 38 11.77 -59.89 -13.14
N VAL A 39 12.38 -60.60 -12.18
CA VAL A 39 12.30 -60.29 -10.72
C VAL A 39 13.08 -58.99 -10.46
N VAL A 40 12.36 -57.91 -10.12
CA VAL A 40 12.91 -56.53 -9.95
C VAL A 40 14.02 -56.53 -8.90
N SER A 41 13.85 -57.32 -7.82
CA SER A 41 14.75 -57.38 -6.64
C SER A 41 16.18 -57.74 -7.06
N ASP A 42 16.34 -58.51 -8.15
CA ASP A 42 17.65 -58.98 -8.69
C ASP A 42 18.52 -57.76 -9.03
N TYR A 43 18.01 -56.85 -9.86
CA TYR A 43 18.70 -55.61 -10.31
C TYR A 43 18.35 -54.46 -9.35
N GLU A 44 18.85 -54.53 -8.11
CA GLU A 44 18.63 -53.53 -7.03
C GLU A 44 19.89 -52.68 -6.83
N ASP A 45 21.08 -53.29 -6.93
CA ASP A 45 22.41 -52.61 -6.76
C ASP A 45 22.95 -52.19 -8.13
N CYS A 46 22.15 -52.33 -9.19
CA CYS A 46 22.44 -51.82 -10.56
C CYS A 46 21.98 -50.36 -10.67
N ILE A 47 20.84 -50.03 -10.06
CA ILE A 47 20.21 -48.67 -10.06
C ILE A 47 21.06 -47.75 -9.17
N ARG A 48 21.33 -46.52 -9.64
CA ARG A 48 22.21 -45.53 -8.96
C ARG A 48 21.67 -44.12 -9.12
N ILE A 49 21.35 -43.45 -8.00
CA ILE A 49 20.92 -42.02 -7.92
C ILE A 49 22.15 -41.17 -7.61
N ASP A 50 22.19 -39.94 -8.14
CA ASP A 50 23.30 -38.96 -7.93
C ASP A 50 22.70 -37.54 -7.84
N VAL A 51 22.79 -36.91 -6.68
CA VAL A 51 22.21 -35.55 -6.39
C VAL A 51 23.35 -34.52 -6.35
N ASN A 52 23.34 -33.56 -7.27
CA ASN A 52 24.26 -32.39 -7.28
C ASN A 52 23.56 -31.23 -6.57
N GLN A 53 23.95 -30.96 -5.32
CA GLN A 53 23.26 -30.00 -4.41
C GLN A 53 23.55 -28.55 -4.83
N GLU A 54 24.60 -28.32 -5.63
CA GLU A 54 24.97 -26.97 -6.13
C GLU A 54 24.01 -26.54 -7.24
N THR A 55 23.59 -27.48 -8.10
CA THR A 55 22.78 -27.22 -9.33
C THR A 55 21.33 -27.71 -9.18
N ASN A 56 21.07 -28.65 -8.26
CA ASN A 56 19.72 -29.24 -7.99
C ASN A 56 19.27 -30.11 -9.18
N TYR A 57 20.22 -30.82 -9.80
CA TYR A 57 19.96 -31.86 -10.84
C TYR A 57 20.15 -33.24 -10.19
N VAL A 58 19.17 -34.12 -10.36
CA VAL A 58 19.22 -35.55 -9.92
C VAL A 58 19.50 -36.40 -11.16
N THR A 59 20.62 -37.14 -11.15
CA THR A 59 21.06 -38.04 -12.25
C THR A 59 20.63 -39.48 -11.93
N PHE A 60 19.74 -40.03 -12.75
CA PHE A 60 19.29 -41.44 -12.70
C PHE A 60 20.15 -42.25 -13.68
N SER A 61 20.96 -43.19 -13.18
CA SER A 61 21.89 -44.02 -13.97
C SER A 61 21.66 -45.51 -13.64
N PHE A 62 22.23 -46.40 -14.46
CA PHE A 62 22.08 -47.88 -14.37
C PHE A 62 23.32 -48.56 -14.95
N GLN A 63 23.91 -49.51 -14.19
CA GLN A 63 25.05 -50.35 -14.63
C GLN A 63 24.53 -51.45 -15.56
N GLY A 64 24.82 -51.33 -16.88
CA GLY A 64 24.30 -52.20 -17.94
C GLY A 64 24.48 -53.68 -17.65
N GLN A 65 23.39 -54.45 -17.72
CA GLN A 65 23.35 -55.93 -17.48
C GLN A 65 22.77 -56.62 -18.72
N LYS A 66 23.44 -56.44 -19.87
CA LYS A 66 23.07 -57.03 -21.18
C LYS A 66 21.75 -56.42 -21.69
N GLY A 67 20.64 -57.15 -21.56
CA GLY A 67 19.31 -56.75 -22.07
C GLY A 67 18.40 -56.17 -21.00
N VAL A 68 18.76 -56.33 -19.73
CA VAL A 68 17.99 -55.80 -18.56
C VAL A 68 18.22 -54.28 -18.49
N MET A 69 17.19 -53.49 -18.82
CA MET A 69 17.23 -51.99 -18.85
C MET A 69 16.17 -51.44 -17.90
N PRO A 70 16.33 -50.19 -17.40
CA PRO A 70 15.42 -49.63 -16.39
C PRO A 70 14.28 -48.81 -16.99
N ILE A 71 13.16 -48.69 -16.25
CA ILE A 71 12.03 -47.76 -16.56
C ILE A 71 11.93 -46.76 -15.40
N TRP A 72 12.00 -45.46 -15.68
CA TRP A 72 11.88 -44.36 -14.68
C TRP A 72 10.45 -43.82 -14.67
N ILE A 73 9.71 -44.07 -13.60
CA ILE A 73 8.37 -43.46 -13.32
C ILE A 73 8.55 -42.46 -12.17
N ILE A 74 8.72 -41.18 -12.51
CA ILE A 74 8.92 -40.04 -11.56
C ILE A 74 7.57 -39.40 -11.27
N ASP A 75 7.12 -39.41 -10.02
CA ASP A 75 5.89 -38.74 -9.52
C ASP A 75 4.70 -39.10 -10.42
N GLY A 76 4.57 -40.40 -10.77
CA GLY A 76 3.50 -40.91 -11.65
C GLY A 76 3.58 -40.31 -13.05
N LYS A 77 4.77 -40.37 -13.67
CA LYS A 77 5.03 -39.92 -15.07
C LYS A 77 6.16 -40.79 -15.65
N ASN A 78 5.81 -41.68 -16.59
CA ASN A 78 6.73 -42.66 -17.22
C ASN A 78 7.65 -41.94 -18.21
N TYR A 79 8.93 -41.80 -17.87
CA TYR A 79 9.96 -41.07 -18.67
C TYR A 79 10.85 -42.06 -19.42
N SER A 80 10.24 -43.13 -19.96
CA SER A 80 10.88 -44.14 -20.83
C SER A 80 12.04 -44.83 -20.09
N SER A 81 13.12 -45.16 -20.81
CA SER A 81 14.24 -46.02 -20.36
C SER A 81 15.58 -45.43 -20.83
N SER A 82 16.41 -44.96 -19.90
CA SER A 82 17.75 -44.40 -20.15
C SER A 82 18.78 -45.06 -19.25
N PHE A 83 20.06 -45.00 -19.64
CA PHE A 83 21.22 -45.43 -18.82
C PHE A 83 21.76 -44.23 -18.03
N ASN A 84 21.41 -43.00 -18.47
CA ASN A 84 21.92 -41.73 -17.89
C ASN A 84 20.93 -40.60 -18.22
N MET A 85 20.13 -40.18 -17.23
CA MET A 85 19.04 -39.18 -17.36
C MET A 85 19.07 -38.20 -16.18
N THR A 86 18.84 -36.89 -16.44
CA THR A 86 18.89 -35.80 -15.43
C THR A 86 17.58 -35.01 -15.42
N LYS A 87 17.08 -34.69 -14.22
CA LYS A 87 15.87 -33.83 -13.99
C LYS A 87 16.23 -32.72 -13.01
N TYR A 88 15.77 -31.49 -13.29
CA TYR A 88 15.92 -30.29 -12.42
C TYR A 88 14.87 -30.36 -11.30
N TYR A 89 15.31 -30.34 -10.04
CA TYR A 89 14.47 -30.29 -8.81
C TYR A 89 14.71 -28.95 -8.10
N ARG A 90 14.14 -27.87 -8.64
CA ARG A 90 14.32 -26.46 -8.17
C ARG A 90 14.07 -26.38 -6.66
N LYS A 91 12.88 -26.78 -6.21
CA LYS A 91 12.43 -26.67 -4.80
C LYS A 91 13.21 -27.66 -3.92
N ALA A 92 13.39 -27.33 -2.64
CA ALA A 92 13.89 -28.24 -1.58
C ALA A 92 12.77 -29.20 -1.20
N GLY A 93 13.11 -30.38 -0.66
CA GLY A 93 12.14 -31.39 -0.17
C GLY A 93 12.62 -32.81 -0.38
N ASP A 94 11.81 -33.78 0.07
CA ASP A 94 12.03 -35.24 -0.14
C ASP A 94 11.28 -35.68 -1.41
N TYR A 95 11.98 -36.37 -2.32
CA TYR A 95 11.47 -36.83 -3.64
C TYR A 95 11.79 -38.31 -3.82
N SER A 96 10.91 -39.04 -4.51
CA SER A 96 10.99 -40.52 -4.71
C SER A 96 10.75 -40.88 -6.18
N VAL A 97 11.68 -41.61 -6.78
CA VAL A 97 11.55 -42.21 -8.15
C VAL A 97 11.18 -43.69 -8.01
N GLU A 98 10.16 -44.12 -8.75
CA GLU A 98 9.76 -45.56 -8.85
C GLU A 98 10.41 -46.13 -10.12
N VAL A 99 11.27 -47.15 -9.93
CA VAL A 99 12.13 -47.76 -11.01
C VAL A 99 11.70 -49.23 -11.19
N LYS A 100 11.41 -49.62 -12.44
CA LYS A 100 11.10 -51.02 -12.84
C LYS A 100 12.22 -51.55 -13.75
N ILE A 101 12.17 -52.85 -14.06
CA ILE A 101 13.16 -53.56 -14.95
C ILE A 101 12.38 -54.23 -16.09
N ALA A 102 12.84 -54.03 -17.33
CA ALA A 102 12.27 -54.60 -18.57
C ALA A 102 13.36 -55.36 -19.34
N ASN A 103 12.97 -56.12 -20.37
CA ASN A 103 13.86 -56.92 -21.24
C ASN A 103 13.08 -57.36 -22.48
N SER A 104 13.46 -58.48 -23.11
CA SER A 104 12.75 -59.09 -24.27
C SER A 104 11.35 -59.56 -23.85
N ASN A 105 11.22 -60.15 -22.65
CA ASN A 105 9.95 -60.64 -22.06
C ASN A 105 8.96 -59.46 -21.93
N GLY A 106 9.34 -58.43 -21.18
CA GLY A 106 8.51 -57.24 -20.90
C GLY A 106 8.84 -56.62 -19.55
N VAL A 107 8.02 -55.65 -19.11
CA VAL A 107 8.20 -54.89 -17.83
C VAL A 107 7.85 -55.82 -16.66
N SER A 108 8.55 -55.67 -15.53
CA SER A 108 8.34 -56.44 -14.27
C SER A 108 7.03 -55.99 -13.60
N ASP A 109 6.61 -56.71 -12.55
CA ASP A 109 5.36 -56.44 -11.78
C ASP A 109 5.67 -55.43 -10.66
N ARG A 110 6.63 -55.77 -9.80
CA ARG A 110 7.05 -54.95 -8.62
C ARG A 110 8.05 -53.88 -9.09
N ALA A 111 8.05 -52.73 -8.41
CA ALA A 111 8.98 -51.59 -8.65
C ALA A 111 9.79 -51.33 -7.38
N ILE A 112 11.00 -50.77 -7.55
CA ILE A 112 11.86 -50.27 -6.42
C ILE A 112 11.63 -48.76 -6.26
N THR A 113 11.18 -48.34 -5.08
CA THR A 113 11.11 -46.91 -4.64
C THR A 113 12.47 -46.54 -4.03
N ARG A 114 13.13 -45.51 -4.58
CA ARG A 114 14.36 -44.92 -4.00
C ARG A 114 14.11 -43.42 -3.75
N ASN A 115 14.45 -42.95 -2.54
CA ASN A 115 14.16 -41.58 -2.03
C ASN A 115 15.45 -40.75 -2.07
N PHE A 116 15.31 -39.43 -2.27
CA PHE A 116 16.42 -38.44 -2.27
C PHE A 116 15.90 -37.09 -1.77
N HIS A 117 16.81 -36.26 -1.24
CA HIS A 117 16.50 -34.94 -0.63
C HIS A 117 17.26 -33.83 -1.38
N ILE A 118 16.56 -32.73 -1.69
CA ILE A 118 17.16 -31.46 -2.19
C ILE A 118 17.23 -30.49 -1.00
N ASP A 119 18.44 -30.13 -0.57
CA ASP A 119 18.70 -29.38 0.69
C ASP A 119 18.13 -27.96 0.58
N LYS A 120 18.49 -27.23 -0.49
CA LYS A 120 18.27 -25.77 -0.63
C LYS A 120 17.50 -25.47 -1.92
N THR A 121 16.38 -24.74 -1.80
CA THR A 121 15.58 -24.20 -2.94
C THR A 121 16.45 -23.20 -3.72
N ILE A 122 16.37 -23.24 -5.06
CA ILE A 122 17.08 -22.28 -5.96
C ILE A 122 16.04 -21.33 -6.55
N MET A 123 16.45 -20.10 -6.83
CA MET A 123 15.57 -18.95 -7.16
C MET A 123 14.91 -19.15 -8.53
N THR A 124 13.69 -18.63 -8.68
CA THR A 124 12.92 -18.54 -9.95
C THR A 124 12.69 -17.06 -10.27
N GLY A 125 12.60 -16.71 -11.56
CA GLY A 125 12.45 -15.31 -12.03
C GLY A 125 13.79 -14.64 -12.15
N PHE A 126 13.80 -13.31 -12.21
CA PHE A 126 15.02 -12.48 -12.40
C PHE A 126 16.00 -12.72 -11.25
N GLY A 127 17.29 -12.84 -11.56
CA GLY A 127 18.37 -13.17 -10.61
C GLY A 127 19.15 -11.94 -10.17
N GLY A 128 18.78 -10.76 -10.69
CA GLY A 128 19.39 -9.47 -10.35
C GLY A 128 20.75 -9.30 -11.01
N PHE A 129 21.43 -8.18 -10.71
CA PHE A 129 22.73 -7.78 -11.30
C PHE A 129 23.85 -8.66 -10.73
N ASP A 130 25.06 -8.49 -11.26
CA ASP A 130 26.25 -9.35 -11.01
C ASP A 130 26.98 -8.83 -9.77
N PRO A 131 26.92 -9.53 -8.62
CA PRO A 131 27.54 -9.03 -7.39
C PRO A 131 29.07 -9.10 -7.37
N GLU A 132 29.68 -9.85 -8.30
CA GLU A 132 31.15 -10.04 -8.38
C GLU A 132 31.77 -9.08 -9.42
N SER A 133 30.97 -8.50 -10.31
CA SER A 133 31.37 -7.47 -11.30
C SER A 133 32.18 -6.35 -10.61
N ASN A 134 33.16 -5.78 -11.33
CA ASN A 134 34.00 -4.67 -10.82
C ASN A 134 33.25 -3.34 -10.97
N PHE A 135 32.05 -3.37 -11.58
CA PHE A 135 31.14 -2.20 -11.68
C PHE A 135 30.26 -2.07 -10.43
N ASN A 136 30.30 -3.06 -9.53
CA ASN A 136 29.50 -3.10 -8.27
C ASN A 136 30.18 -2.21 -7.21
N ILE A 137 29.69 -0.97 -7.07
CA ILE A 137 30.21 0.06 -6.12
C ILE A 137 30.23 -0.50 -4.69
N TRP A 138 29.39 -1.51 -4.40
CA TRP A 138 29.23 -2.08 -3.03
C TRP A 138 30.51 -2.82 -2.61
N ARG A 139 31.25 -3.40 -3.56
CA ARG A 139 32.51 -4.17 -3.30
C ARG A 139 33.66 -3.22 -2.94
N THR A 140 33.62 -1.98 -3.44
CA THR A 140 34.64 -0.91 -3.25
C THR A 140 34.41 -0.18 -1.93
N ALA A 141 33.17 -0.19 -1.43
CA ALA A 141 32.67 0.73 -0.39
C ALA A 141 33.07 0.24 1.01
N THR A 142 33.16 1.16 1.95
CA THR A 142 33.22 0.89 3.40
C THR A 142 31.79 0.72 3.91
N ILE A 143 31.41 -0.52 4.25
CA ILE A 143 30.07 -0.90 4.76
C ILE A 143 30.15 -1.10 6.27
N SER A 144 29.32 -0.37 7.03
CA SER A 144 29.15 -0.54 8.49
C SER A 144 28.53 -1.91 8.77
N GLU A 145 28.86 -2.51 9.91
CA GLU A 145 28.04 -3.57 10.54
C GLU A 145 26.60 -3.07 10.56
N PRO A 146 25.58 -3.95 10.38
CA PRO A 146 24.20 -3.50 10.47
C PRO A 146 23.93 -3.05 11.91
N THR A 147 23.12 -2.01 12.07
CA THR A 147 22.44 -1.66 13.35
C THR A 147 21.02 -2.20 13.26
N PHE A 148 20.27 -2.15 14.37
CA PHE A 148 18.86 -2.62 14.43
C PHE A 148 18.02 -1.71 15.33
N TRP A 149 16.74 -1.61 14.99
CA TRP A 149 15.66 -1.10 15.85
C TRP A 149 14.47 -2.06 15.76
N TYR A 150 14.47 -3.05 16.66
CA TYR A 150 13.49 -4.15 16.77
C TYR A 150 12.55 -3.79 17.92
N ALA A 151 11.28 -3.51 17.63
CA ALA A 151 10.31 -2.95 18.60
C ALA A 151 8.89 -3.44 18.30
N PRO A 152 8.52 -4.66 18.73
CA PRO A 152 7.12 -5.06 18.75
C PRO A 152 6.30 -4.09 19.63
N GLY A 153 5.08 -3.75 19.21
CA GLY A 153 4.20 -2.76 19.86
C GLY A 153 4.85 -1.39 19.96
N TRP A 154 5.86 -1.10 19.13
CA TRP A 154 6.67 0.15 19.17
C TRP A 154 7.45 0.23 20.49
N SER A 155 7.71 -0.92 21.12
CA SER A 155 8.45 -1.06 22.39
C SER A 155 9.75 -1.83 22.14
N GLN A 156 10.89 -1.13 22.11
CA GLN A 156 12.17 -1.71 21.64
C GLN A 156 12.65 -2.81 22.59
N ILE A 157 13.11 -3.92 22.01
CA ILE A 157 13.72 -5.08 22.71
C ILE A 157 15.16 -5.22 22.20
N ALA A 158 15.91 -6.22 22.69
CA ALA A 158 17.31 -6.46 22.32
C ALA A 158 17.42 -6.65 20.79
N ASP A 159 18.51 -6.17 20.20
CA ASP A 159 18.84 -6.39 18.76
C ASP A 159 18.68 -7.88 18.45
N PRO A 160 18.16 -8.27 17.27
CA PRO A 160 18.13 -9.67 16.88
C PRO A 160 19.55 -10.19 16.59
N ALA A 161 19.83 -11.45 16.91
CA ALA A 161 21.10 -12.13 16.56
C ALA A 161 21.24 -12.10 15.03
N TYR A 162 22.41 -11.72 14.53
CA TYR A 162 22.70 -11.71 13.09
C TYR A 162 24.06 -12.37 12.85
N SER A 163 24.25 -12.82 11.61
CA SER A 163 25.47 -13.48 11.11
C SER A 163 25.85 -12.80 9.80
N LEU A 164 27.12 -12.46 9.63
CA LEU A 164 27.67 -11.98 8.33
C LEU A 164 28.71 -13.00 7.87
N VAL A 165 28.34 -13.78 6.84
CA VAL A 165 29.17 -14.89 6.29
C VAL A 165 29.38 -14.61 4.80
N ASN A 166 30.56 -14.10 4.44
CA ASN A 166 30.98 -13.87 3.03
C ASN A 166 29.97 -12.91 2.38
N GLY A 167 29.63 -11.82 3.08
CA GLY A 167 28.78 -10.73 2.57
C GLY A 167 27.30 -11.00 2.74
N THR A 168 26.91 -12.18 3.23
CA THR A 168 25.50 -12.63 3.37
C THR A 168 25.04 -12.43 4.83
N TYR A 169 23.94 -11.69 5.02
CA TYR A 169 23.28 -11.46 6.33
C TYR A 169 22.26 -12.55 6.61
N THR A 170 22.36 -13.21 7.77
CA THR A 170 21.28 -14.02 8.38
C THR A 170 20.81 -13.27 9.64
N VAL A 171 19.50 -13.00 9.73
CA VAL A 171 18.87 -12.28 10.86
C VAL A 171 17.66 -13.09 11.36
N THR A 172 17.65 -13.42 12.65
CA THR A 172 16.61 -14.24 13.31
C THR A 172 15.73 -13.31 14.14
N LEU A 173 14.41 -13.36 13.91
CA LEU A 173 13.40 -12.51 14.58
C LEU A 173 12.46 -13.40 15.41
N PRO A 174 12.78 -13.66 16.70
CA PRO A 174 11.93 -14.51 17.53
C PRO A 174 10.53 -13.92 17.78
N GLU A 175 10.42 -12.60 17.92
CA GLU A 175 9.15 -11.90 18.28
C GLU A 175 8.48 -11.39 17.00
N ALA A 176 7.19 -11.67 16.85
CA ALA A 176 6.33 -11.14 15.76
C ALA A 176 6.29 -9.61 15.86
N THR A 177 6.20 -8.92 14.73
CA THR A 177 5.88 -7.47 14.65
C THR A 177 4.68 -7.29 13.72
N SER A 178 3.96 -6.19 13.85
CA SER A 178 2.65 -5.90 13.20
C SER A 178 2.81 -4.90 12.04
N GLU A 179 3.63 -3.86 12.23
CA GLU A 179 3.72 -2.69 11.31
C GLU A 179 5.10 -2.62 10.66
N THR A 180 5.16 -1.98 9.48
CA THR A 180 6.41 -1.53 8.83
C THR A 180 7.09 -0.54 9.77
N TRP A 181 8.41 -0.69 9.96
CA TRP A 181 9.34 0.17 10.75
C TRP A 181 9.51 -0.37 12.18
N GLN A 182 8.98 -1.56 12.50
CA GLN A 182 9.11 -2.21 13.83
C GLN A 182 10.25 -3.23 13.86
N ALA A 183 10.95 -3.44 12.74
CA ALA A 183 12.12 -4.36 12.66
C ALA A 183 13.14 -3.81 11.66
N GLN A 184 13.77 -2.69 12.01
CA GLN A 184 14.65 -1.91 11.11
C GLN A 184 16.06 -2.49 11.18
N MET A 185 16.77 -2.50 10.04
CA MET A 185 18.19 -2.91 9.92
C MET A 185 18.90 -1.92 8.99
N PRO A 186 19.30 -0.74 9.51
CA PRO A 186 20.05 0.23 8.71
C PRO A 186 21.51 -0.23 8.51
N ILE A 187 21.99 -0.11 7.27
CA ILE A 187 23.40 -0.39 6.86
C ILE A 187 23.98 0.93 6.33
N LYS A 188 24.90 1.55 7.08
CA LYS A 188 25.52 2.85 6.74
C LYS A 188 26.73 2.58 5.83
N THR A 189 26.86 3.33 4.73
CA THR A 189 27.97 3.21 3.76
C THR A 189 28.66 4.57 3.63
N ASN A 190 29.81 4.59 2.95
CA ASN A 190 30.52 5.83 2.52
C ASN A 190 30.33 6.05 1.01
N ILE A 191 29.30 5.44 0.42
CA ILE A 191 29.01 5.54 -1.04
C ILE A 191 28.43 6.92 -1.35
N ALA A 192 29.13 7.71 -2.18
CA ALA A 192 28.66 8.98 -2.76
C ALA A 192 28.13 8.73 -4.18
N THR A 193 27.08 9.45 -4.57
CA THR A 193 26.54 9.45 -5.96
C THR A 193 26.40 10.89 -6.45
N ASP A 194 26.20 11.04 -7.76
CA ASP A 194 26.15 12.36 -8.45
C ASP A 194 24.86 12.47 -9.26
N ALA A 195 24.28 13.67 -9.29
CA ALA A 195 23.26 14.07 -10.28
C ALA A 195 23.89 13.98 -11.68
N GLY A 196 23.11 13.59 -12.68
CA GLY A 196 23.56 13.51 -14.09
C GLY A 196 24.13 12.15 -14.45
N LYS A 197 24.35 11.28 -13.45
CA LYS A 197 24.55 9.82 -13.64
C LYS A 197 23.23 9.11 -13.32
N ASN A 198 23.09 7.89 -13.82
CA ASN A 198 21.92 7.01 -13.54
C ASN A 198 22.46 5.70 -12.95
N TYR A 199 21.68 5.06 -12.08
CA TYR A 199 22.15 3.94 -11.22
C TYR A 199 21.19 2.75 -11.28
N ASP A 200 21.76 1.56 -11.17
CA ASP A 200 21.03 0.26 -11.05
C ASP A 200 21.24 -0.27 -9.63
N PHE A 201 20.25 -0.97 -9.10
CA PHE A 201 20.29 -1.61 -7.77
C PHE A 201 19.58 -2.96 -7.83
N SER A 202 20.14 -3.99 -7.17
CA SER A 202 19.43 -5.25 -6.83
C SER A 202 19.96 -5.81 -5.51
N VAL A 203 19.14 -6.65 -4.87
CA VAL A 203 19.46 -7.46 -3.66
C VAL A 203 18.54 -8.69 -3.71
N ILE A 204 18.97 -9.81 -3.14
CA ILE A 204 18.15 -11.06 -3.08
C ILE A 204 17.73 -11.27 -1.63
N LEU A 205 16.42 -11.33 -1.41
CA LEU A 205 15.76 -11.47 -0.08
C LEU A 205 15.11 -12.85 0.02
N THR A 206 15.35 -13.56 1.12
CA THR A 206 14.70 -14.86 1.46
C THR A 206 14.19 -14.81 2.90
N SER A 207 13.01 -15.37 3.14
CA SER A 207 12.41 -15.55 4.49
C SER A 207 11.99 -17.01 4.65
N THR A 208 12.22 -17.61 5.82
CA THR A 208 11.83 -19.01 6.15
C THR A 208 10.31 -19.09 6.36
N ILE A 209 9.62 -17.96 6.58
CA ILE A 209 8.15 -17.88 6.80
C ILE A 209 7.56 -16.80 5.88
N ASP A 210 6.34 -17.02 5.36
CA ASP A 210 5.58 -16.04 4.55
C ASP A 210 5.69 -14.67 5.21
N HIS A 211 5.99 -13.63 4.44
CA HIS A 211 6.15 -12.24 4.93
C HIS A 211 5.31 -11.29 4.06
N PRO A 212 4.38 -10.52 4.66
CA PRO A 212 3.48 -9.66 3.89
C PRO A 212 4.18 -8.55 3.10
N ASN A 213 5.22 -7.93 3.67
CA ASN A 213 5.96 -6.82 3.01
C ASN A 213 7.27 -6.54 3.75
N VAL A 214 8.40 -6.87 3.12
CA VAL A 214 9.76 -6.41 3.54
C VAL A 214 10.05 -5.10 2.80
N THR A 215 10.53 -4.08 3.52
CA THR A 215 10.86 -2.74 3.00
C THR A 215 12.36 -2.67 2.71
N VAL A 216 12.72 -2.05 1.60
CA VAL A 216 14.13 -1.71 1.21
C VAL A 216 14.13 -0.22 0.88
N LYS A 217 15.09 0.55 1.42
CA LYS A 217 15.14 2.02 1.22
C LYS A 217 16.60 2.47 1.11
N LEU A 218 16.99 2.96 -0.06
CA LEU A 218 18.34 3.51 -0.34
C LEU A 218 18.25 5.04 -0.21
N VAL A 219 18.83 5.58 0.87
CA VAL A 219 18.48 6.92 1.42
C VAL A 219 19.75 7.72 1.73
N ASP A 220 19.67 9.04 1.60
CA ASP A 220 20.68 10.01 2.10
C ASP A 220 20.78 9.85 3.63
N ALA A 221 21.98 9.52 4.14
CA ALA A 221 22.27 9.30 5.58
C ALA A 221 21.87 10.53 6.42
N THR A 222 21.86 11.72 5.82
CA THR A 222 21.65 13.03 6.51
C THR A 222 20.22 13.54 6.33
N GLU A 223 19.43 12.95 5.42
CA GLU A 223 18.07 13.46 5.08
C GLU A 223 17.17 12.32 4.59
N ASP A 224 16.22 11.89 5.43
CA ASP A 224 15.28 10.77 5.17
C ASP A 224 14.33 11.10 4.02
N LYS A 225 14.25 12.39 3.61
CA LYS A 225 13.36 12.86 2.51
C LYS A 225 14.00 12.57 1.16
N ILE A 226 15.33 12.49 1.09
CA ILE A 226 16.13 12.25 -0.16
C ILE A 226 16.45 10.76 -0.26
N TYR A 227 15.87 10.05 -1.25
CA TYR A 227 16.07 8.59 -1.44
C TYR A 227 15.81 8.19 -2.90
N TYR A 228 16.53 7.18 -3.38
CA TYR A 228 16.39 6.58 -4.74
C TYR A 228 15.06 5.82 -4.80
N PHE A 229 14.70 5.14 -3.72
CA PHE A 229 13.42 4.38 -3.61
C PHE A 229 13.13 4.02 -2.16
N GLU A 230 11.83 3.90 -1.84
CA GLU A 230 11.29 3.18 -0.65
C GLU A 230 10.24 2.20 -1.17
N GLY A 231 10.63 0.96 -1.44
CA GLY A 231 9.77 -0.10 -1.98
C GLY A 231 9.60 -1.23 -1.00
N LYS A 232 8.64 -2.10 -1.27
CA LYS A 232 8.24 -3.23 -0.39
C LYS A 232 8.00 -4.46 -1.29
N THR A 233 8.28 -5.65 -0.79
CA THR A 233 8.00 -6.92 -1.50
C THR A 233 7.55 -7.98 -0.50
N PRO A 234 6.41 -8.66 -0.76
CA PRO A 234 6.03 -9.82 0.03
C PRO A 234 7.05 -10.94 -0.27
N LEU A 235 7.11 -11.95 0.59
CA LEU A 235 7.97 -13.14 0.42
C LEU A 235 7.15 -14.40 0.75
N VAL A 236 7.31 -15.44 -0.05
CA VAL A 236 6.75 -16.81 0.21
C VAL A 236 7.88 -17.62 0.85
N ALA A 237 7.53 -18.46 1.84
CA ALA A 237 8.49 -19.24 2.65
C ALA A 237 9.51 -19.93 1.74
N ASN A 238 10.80 -19.58 1.90
CA ASN A 238 11.97 -20.23 1.27
C ASN A 238 12.03 -19.94 -0.24
N GLU A 239 11.30 -18.94 -0.74
CA GLU A 239 11.32 -18.50 -2.15
C GLU A 239 12.12 -17.21 -2.28
N PRO A 240 13.43 -17.27 -2.62
CA PRO A 240 14.22 -16.06 -2.83
C PRO A 240 13.59 -15.14 -3.88
N VAL A 241 13.50 -13.85 -3.58
CA VAL A 241 13.02 -12.79 -4.51
C VAL A 241 14.15 -11.77 -4.69
N CYS A 242 14.35 -11.31 -5.91
CA CYS A 242 15.23 -10.17 -6.26
C CYS A 242 14.37 -8.90 -6.23
N PHE A 243 14.68 -7.97 -5.32
CA PHE A 243 14.19 -6.58 -5.35
C PHE A 243 15.24 -5.77 -6.11
N TRP A 244 14.82 -5.05 -7.16
CA TRP A 244 15.73 -4.42 -8.16
C TRP A 244 15.10 -3.14 -8.72
N LYS A 245 15.94 -2.22 -9.18
CA LYS A 245 15.59 -1.00 -9.96
C LYS A 245 16.62 -0.83 -11.08
N SER A 246 16.23 -0.21 -12.19
CA SER A 246 17.11 0.07 -13.35
C SER A 246 16.97 1.54 -13.74
N ASN A 247 18.09 2.21 -14.03
CA ASN A 247 18.14 3.58 -14.60
C ASN A 247 17.45 4.55 -13.64
N MET A 248 17.88 4.58 -12.37
CA MET A 248 17.38 5.52 -11.33
C MET A 248 18.10 6.85 -11.50
N PRO A 249 17.39 8.00 -11.67
CA PRO A 249 18.04 9.28 -11.82
C PRO A 249 18.94 9.63 -10.62
N GLY A 250 20.17 10.06 -10.91
CA GLY A 250 21.21 10.35 -9.90
C GLY A 250 20.82 11.48 -8.99
N LEU A 251 21.20 11.36 -7.71
CA LEU A 251 21.05 12.40 -6.66
C LEU A 251 22.44 12.75 -6.13
N ASP A 252 22.72 14.02 -5.89
CA ASP A 252 23.93 14.47 -5.15
C ASP A 252 23.76 14.04 -3.70
N ILE A 253 24.44 12.96 -3.30
CA ILE A 253 24.45 12.41 -1.91
C ILE A 253 25.89 12.06 -1.54
N ALA A 254 26.35 12.52 -0.38
CA ALA A 254 27.73 12.32 0.11
C ALA A 254 27.86 10.93 0.75
N ASN A 255 26.78 10.40 1.33
CA ASN A 255 26.78 9.11 2.08
C ASN A 255 25.39 8.46 2.00
N LEU A 256 25.29 7.32 1.33
CA LEU A 256 24.04 6.49 1.24
C LEU A 256 23.95 5.57 2.47
N ASN A 257 22.75 5.42 3.01
CA ASN A 257 22.35 4.27 3.86
C ASN A 257 21.45 3.34 3.05
N LEU A 258 21.60 2.04 3.24
CA LEU A 258 20.67 1.00 2.74
C LEU A 258 19.92 0.45 3.96
N VAL A 259 18.62 0.75 4.07
CA VAL A 259 17.78 0.39 5.26
C VAL A 259 16.81 -0.71 4.86
N PHE A 260 16.88 -1.85 5.54
CA PHE A 260 15.88 -2.95 5.44
C PHE A 260 14.92 -2.83 6.63
N ASP A 261 13.64 -3.13 6.39
CA ASP A 261 12.64 -3.32 7.47
C ASP A 261 11.91 -4.64 7.25
N PHE A 262 11.75 -5.43 8.31
CA PHE A 262 11.07 -6.74 8.31
C PHE A 262 9.80 -6.64 9.17
N GLY A 263 9.27 -5.43 9.34
CA GLY A 263 8.04 -5.16 10.11
C GLY A 263 6.88 -5.96 9.56
N GLY A 264 6.14 -6.65 10.44
CA GLY A 264 5.04 -7.56 10.06
C GLY A 264 5.48 -9.02 10.03
N ASN A 265 6.73 -9.30 10.39
CA ASN A 265 7.29 -10.69 10.46
C ASN A 265 6.46 -11.53 11.43
N ALA A 266 6.29 -12.80 11.11
CA ALA A 266 5.82 -13.86 12.05
C ALA A 266 6.96 -14.14 13.03
N ALA A 267 6.62 -14.65 14.22
CA ALA A 267 7.60 -15.09 15.24
C ALA A 267 8.46 -16.22 14.65
N GLY A 268 9.77 -16.18 14.88
CA GLY A 268 10.74 -17.21 14.46
C GLY A 268 11.24 -17.01 13.04
N THR A 269 10.84 -15.93 12.37
CA THR A 269 11.25 -15.60 10.97
C THR A 269 12.78 -15.52 10.91
N VAL A 270 13.38 -16.17 9.91
CA VAL A 270 14.84 -16.09 9.61
C VAL A 270 14.99 -15.42 8.23
N MET A 271 15.55 -14.21 8.21
CA MET A 271 15.78 -13.40 6.99
C MET A 271 17.19 -13.71 6.46
N THR A 272 17.31 -13.86 5.13
CA THR A 272 18.62 -13.93 4.42
C THR A 272 18.68 -12.77 3.44
N ILE A 273 19.84 -12.10 3.37
CA ILE A 273 20.12 -10.92 2.50
C ILE A 273 21.48 -11.17 1.85
N GLU A 274 21.51 -11.26 0.52
CA GLU A 274 22.74 -11.59 -0.25
C GLU A 274 22.74 -10.81 -1.57
N SER A 275 23.87 -10.80 -2.26
CA SER A 275 24.03 -10.32 -3.66
C SER A 275 23.58 -8.86 -3.77
N ILE A 276 23.96 -8.01 -2.80
CA ILE A 276 23.69 -6.54 -2.83
C ILE A 276 24.49 -5.94 -3.99
N VAL A 277 23.83 -5.24 -4.92
CA VAL A 277 24.50 -4.55 -6.07
C VAL A 277 24.03 -3.10 -6.17
N LEU A 278 24.98 -2.17 -6.27
CA LEU A 278 24.75 -0.78 -6.73
C LEU A 278 25.82 -0.46 -7.78
N LYS A 279 25.41 -0.15 -9.02
CA LYS A 279 26.33 0.20 -10.13
C LYS A 279 25.78 1.37 -10.94
N ASP A 280 26.66 2.03 -11.69
CA ASP A 280 26.34 3.05 -12.71
C ASP A 280 25.60 2.33 -13.85
N HIS A 281 24.49 2.89 -14.33
CA HIS A 281 23.69 2.30 -15.44
C HIS A 281 24.52 2.32 -16.74
N ALA A 282 25.46 3.27 -16.86
CA ALA A 282 26.39 3.41 -18.01
C ALA A 282 27.18 2.12 -18.23
N ASN A 283 27.65 1.49 -17.15
CA ASN A 283 28.49 0.26 -17.18
C ASN A 283 27.57 -0.96 -17.30
N ASP A 284 27.85 -1.85 -18.25
CA ASP A 284 27.04 -3.05 -18.55
C ASP A 284 27.79 -4.30 -18.07
N ASP A 285 27.19 -5.05 -17.15
CA ASP A 285 27.80 -6.25 -16.49
C ASP A 285 27.30 -7.52 -17.19
N GLY A 286 26.53 -7.36 -18.28
CA GLY A 286 25.99 -8.45 -19.10
C GLY A 286 24.66 -8.96 -18.58
N THR A 287 23.96 -8.18 -17.75
CA THR A 287 22.68 -8.59 -17.11
C THR A 287 21.53 -8.34 -18.08
N ILE A 288 20.72 -9.38 -18.33
CA ILE A 288 19.47 -9.32 -19.14
C ILE A 288 18.35 -8.77 -18.24
N VAL A 289 18.25 -7.45 -18.15
CA VAL A 289 17.21 -6.72 -17.37
C VAL A 289 15.87 -6.93 -18.07
N PRO A 290 14.82 -7.42 -17.38
CA PRO A 290 13.53 -7.68 -18.03
C PRO A 290 12.81 -6.38 -18.42
N GLU A 291 12.05 -6.43 -19.52
CA GLU A 291 11.32 -5.26 -20.10
C GLU A 291 10.01 -5.05 -19.33
N GLN A 292 9.90 -3.93 -18.62
CA GLN A 292 8.66 -3.52 -17.89
C GLN A 292 7.59 -3.16 -18.93
N GLU A 293 6.59 -4.03 -19.09
CA GLU A 293 5.49 -3.90 -20.10
C GLU A 293 4.89 -2.48 -20.01
N GLU A 294 5.05 -1.69 -21.08
CA GLU A 294 4.72 -0.24 -21.16
C GLU A 294 3.44 0.05 -20.34
N THR A 295 3.54 0.98 -19.39
CA THR A 295 2.45 1.39 -18.46
C THR A 295 1.26 1.91 -19.28
N PRO A 296 0.09 1.23 -19.26
CA PRO A 296 -1.10 1.71 -19.96
C PRO A 296 -1.50 3.15 -19.59
N GLU A 297 -1.98 3.92 -20.59
CA GLU A 297 -2.36 5.35 -20.47
C GLU A 297 -3.60 5.48 -19.58
N PRO A 298 -3.68 6.52 -18.71
CA PRO A 298 -4.80 6.69 -17.80
C PRO A 298 -5.93 7.60 -18.33
N THR A 299 -6.95 7.83 -17.50
CA THR A 299 -8.06 8.80 -17.75
C THR A 299 -7.55 10.23 -17.51
N TRP A 300 -7.20 10.94 -18.59
CA TRP A 300 -6.64 12.31 -18.58
C TRP A 300 -7.75 13.33 -18.24
N SER A 301 -7.81 13.80 -16.98
CA SER A 301 -8.73 14.88 -16.54
C SER A 301 -8.40 16.17 -17.31
N ALA A 302 -9.42 16.96 -17.65
CA ALA A 302 -9.31 18.18 -18.50
C ALA A 302 -8.58 19.29 -17.73
N VAL A 303 -8.11 20.31 -18.47
CA VAL A 303 -7.15 21.35 -18.00
C VAL A 303 -7.80 22.23 -16.92
N ASP A 304 -9.12 22.41 -16.99
CA ASP A 304 -9.87 23.39 -16.16
C ASP A 304 -10.30 22.76 -14.82
N SER A 305 -10.42 21.44 -14.75
CA SER A 305 -11.07 20.67 -13.65
C SER A 305 -10.33 20.84 -12.32
N GLU A 306 -10.92 20.34 -11.23
CA GLU A 306 -10.35 20.37 -9.85
C GLU A 306 -9.24 19.30 -9.73
N ASP A 307 -9.20 18.35 -10.67
CA ASP A 307 -8.13 17.33 -10.82
C ASP A 307 -6.90 17.93 -11.53
N ASN A 308 -6.88 19.25 -11.76
CA ASN A 308 -5.80 19.96 -12.49
C ASN A 308 -4.59 20.17 -11.58
N LEU A 309 -4.81 20.50 -10.30
CA LEU A 309 -3.77 20.75 -9.26
C LEU A 309 -2.87 21.92 -9.68
N TRP A 310 -2.44 21.96 -10.95
CA TRP A 310 -1.64 23.06 -11.55
C TRP A 310 -2.49 24.32 -11.71
N HIS A 311 -3.76 24.17 -12.11
CA HIS A 311 -4.77 25.27 -12.14
C HIS A 311 -5.02 25.74 -10.70
N SER A 312 -4.96 27.06 -10.46
CA SER A 312 -5.12 27.75 -9.15
C SER A 312 -3.75 28.05 -8.54
N VAL A 313 -2.66 27.59 -9.16
CA VAL A 313 -1.26 27.92 -8.78
C VAL A 313 -0.94 29.31 -9.36
N THR A 314 -0.94 30.34 -8.52
CA THR A 314 -0.40 31.69 -8.83
C THR A 314 1.11 31.63 -8.72
N PHE A 315 1.81 31.38 -9.84
CA PHE A 315 3.25 31.01 -9.89
C PHE A 315 4.12 32.25 -10.15
N THR A 316 5.43 32.01 -10.30
CA THR A 316 6.50 33.02 -10.46
C THR A 316 7.52 32.43 -11.44
N ASN A 317 8.43 33.24 -11.97
CA ASN A 317 9.44 32.78 -12.96
C ASN A 317 10.81 33.39 -12.61
N GLU A 318 11.83 32.54 -12.49
CA GLU A 318 13.26 32.91 -12.65
C GLU A 318 13.82 32.07 -13.81
N PHE A 319 14.85 32.57 -14.48
CA PHE A 319 15.44 31.95 -15.69
C PHE A 319 16.95 31.84 -15.53
N TYR A 320 17.52 30.73 -16.02
CA TYR A 320 18.98 30.55 -16.29
C TYR A 320 19.14 30.37 -17.80
N TYR A 321 19.36 31.49 -18.49
CA TYR A 321 19.52 31.59 -19.98
C TYR A 321 20.94 32.11 -20.26
N ALA A 322 21.86 31.19 -20.56
CA ALA A 322 23.33 31.44 -20.61
C ALA A 322 23.99 30.58 -21.69
N PRO A 323 24.11 31.10 -22.94
CA PRO A 323 24.85 30.38 -23.99
C PRO A 323 26.36 30.49 -23.74
N GLY A 324 27.05 29.35 -23.76
CA GLY A 324 28.45 29.21 -23.30
C GLY A 324 28.60 29.54 -21.82
N TRP A 325 27.54 29.32 -21.03
CA TRP A 325 27.51 29.50 -19.55
C TRP A 325 27.77 30.96 -19.18
N ASN A 326 27.27 31.91 -19.99
CA ASN A 326 27.34 33.37 -19.72
C ASN A 326 25.92 33.92 -19.64
N PRO A 327 25.40 34.26 -18.44
CA PRO A 327 24.01 34.66 -18.27
C PRO A 327 23.70 36.04 -18.90
N ILE A 328 22.72 36.06 -19.80
CA ILE A 328 22.17 37.29 -20.45
C ILE A 328 20.83 37.63 -19.78
N ALA A 329 20.05 38.55 -20.35
CA ALA A 329 18.79 39.08 -19.77
C ALA A 329 17.69 38.01 -19.83
N ASN A 330 16.77 38.05 -18.85
CA ASN A 330 15.59 37.15 -18.76
C ASN A 330 14.79 37.24 -20.06
N PRO A 331 14.49 36.11 -20.73
CA PRO A 331 13.77 36.14 -22.01
C PRO A 331 12.28 36.50 -21.87
N ALA A 332 11.62 36.74 -23.00
CA ALA A 332 10.22 37.23 -23.11
C ALA A 332 9.24 36.09 -22.81
N LEU A 333 8.34 36.32 -21.85
CA LEU A 333 7.29 35.36 -21.43
C LEU A 333 5.93 36.05 -21.55
N ASN A 334 4.98 35.39 -22.22
CA ASN A 334 3.56 35.83 -22.34
C ASN A 334 2.65 34.72 -21.80
N ILE A 335 2.00 34.98 -20.65
CA ILE A 335 0.96 34.10 -20.06
C ILE A 335 -0.38 34.46 -20.70
N ASP A 336 -0.98 33.53 -21.44
CA ASP A 336 -2.39 33.62 -21.95
C ASP A 336 -3.14 32.36 -21.48
N GLY A 337 -3.67 32.39 -20.26
CA GLY A 337 -4.42 31.29 -19.63
C GLY A 337 -3.55 30.07 -19.43
N ALA A 338 -3.89 28.95 -20.07
CA ALA A 338 -3.20 27.64 -19.96
C ALA A 338 -2.08 27.53 -21.01
N THR A 339 -1.76 28.63 -21.71
CA THR A 339 -0.72 28.70 -22.76
C THR A 339 0.33 29.75 -22.36
N TYR A 340 1.59 29.32 -22.20
CA TYR A 340 2.78 30.17 -21.89
C TYR A 340 3.70 30.14 -23.11
N THR A 341 4.05 31.30 -23.66
CA THR A 341 4.87 31.46 -24.88
C THR A 341 6.18 32.14 -24.51
N LEU A 342 7.31 31.49 -24.86
CA LEU A 342 8.70 31.95 -24.61
C LEU A 342 9.41 32.13 -25.95
N ASN A 343 10.11 33.26 -26.11
CA ASN A 343 10.90 33.60 -27.33
C ASN A 343 12.39 33.62 -26.96
N PHE A 344 13.18 32.73 -27.58
CA PHE A 344 14.64 32.60 -27.42
C PHE A 344 15.34 33.11 -28.68
N PRO A 345 15.80 34.37 -28.71
CA PRO A 345 16.48 34.91 -29.89
C PRO A 345 17.86 34.27 -30.08
N THR A 346 18.67 34.26 -29.00
CA THR A 346 20.03 33.64 -28.97
C THR A 346 19.90 32.12 -28.93
N ALA A 347 20.91 31.40 -29.42
CA ALA A 347 21.00 29.92 -29.42
C ALA A 347 21.73 29.45 -28.15
N THR A 348 21.63 28.15 -27.85
CA THR A 348 22.40 27.44 -26.79
C THR A 348 22.96 26.13 -27.37
N ASN A 349 23.88 25.48 -26.67
CA ASN A 349 24.68 24.32 -27.18
C ASN A 349 24.35 23.02 -26.43
N GLU A 350 24.11 23.08 -25.11
CA GLU A 350 24.05 21.87 -24.26
C GLU A 350 23.14 22.09 -23.03
N LYS A 351 22.88 21.00 -22.30
CA LYS A 351 21.92 20.88 -21.16
C LYS A 351 22.16 21.99 -20.14
N TRP A 352 21.07 22.51 -19.55
CA TRP A 352 21.01 23.44 -18.38
C TRP A 352 21.44 24.86 -18.77
N GLN A 353 21.40 25.21 -20.07
CA GLN A 353 21.84 26.54 -20.58
C GLN A 353 20.63 27.46 -20.77
N ASN A 354 19.44 26.92 -21.08
CA ASN A 354 18.17 27.70 -21.21
C ASN A 354 17.12 27.11 -20.26
N GLN A 355 17.16 27.53 -18.99
CA GLN A 355 16.27 27.04 -17.90
C GLN A 355 15.11 28.02 -17.66
N VAL A 356 13.88 27.49 -17.59
CA VAL A 356 12.63 28.23 -17.30
C VAL A 356 11.97 27.59 -16.07
N THR A 357 11.96 28.31 -14.94
CA THR A 357 11.44 27.83 -13.63
C THR A 357 10.07 28.48 -13.34
N PHE A 358 9.04 27.65 -13.21
CA PHE A 358 7.67 28.04 -12.76
C PHE A 358 7.54 27.74 -11.25
N ILE A 359 7.83 28.75 -10.43
CA ILE A 359 7.86 28.65 -8.94
C ILE A 359 6.43 28.68 -8.40
N SER A 360 5.90 27.53 -7.95
CA SER A 360 4.57 27.39 -7.32
C SER A 360 4.58 28.01 -5.93
N ASP A 361 3.58 28.85 -5.63
CA ASP A 361 3.31 29.43 -4.28
C ASP A 361 2.41 28.45 -3.51
N ALA A 362 3.03 27.59 -2.69
CA ALA A 362 2.39 26.57 -1.83
C ALA A 362 1.65 25.50 -2.67
N LEU A 363 2.37 24.84 -3.58
CA LEU A 363 1.97 23.53 -4.19
C LEU A 363 2.79 22.43 -3.52
N THR A 364 2.21 21.23 -3.35
CA THR A 364 2.78 20.10 -2.56
C THR A 364 2.58 18.76 -3.29
N ALA A 365 3.28 17.73 -2.81
CA ALA A 365 3.08 16.30 -3.18
C ALA A 365 3.39 15.42 -1.97
N SER A 366 3.04 14.13 -2.04
CA SER A 366 3.27 13.11 -0.98
C SER A 366 3.73 11.78 -1.60
N ALA A 367 4.47 10.97 -0.84
CA ALA A 367 4.99 9.64 -1.24
C ALA A 367 3.88 8.59 -1.19
N GLU A 368 2.75 8.90 -0.54
CA GLU A 368 1.58 7.98 -0.39
C GLU A 368 0.78 7.92 -1.69
N GLU A 369 1.07 8.79 -2.67
CA GLU A 369 0.34 8.90 -3.96
C GLU A 369 1.25 8.52 -5.13
N ASN A 370 0.65 7.98 -6.21
CA ASN A 370 1.25 7.88 -7.56
C ASN A 370 0.60 8.95 -8.46
N TYR A 371 1.40 9.75 -9.15
CA TYR A 371 0.93 10.91 -9.97
C TYR A 371 1.01 10.58 -11.47
N ASP A 372 0.19 11.27 -12.26
CA ASP A 372 0.30 11.40 -13.73
C ASP A 372 0.69 12.85 -14.05
N PHE A 373 1.30 13.08 -15.21
CA PHE A 373 1.73 14.41 -15.70
C PHE A 373 1.76 14.42 -17.23
N ARG A 374 1.23 15.50 -17.82
CA ARG A 374 1.19 15.73 -19.30
C ARG A 374 1.40 17.23 -19.58
N VAL A 375 2.15 17.54 -20.64
CA VAL A 375 2.31 18.92 -21.17
C VAL A 375 2.57 18.82 -22.68
N ILE A 376 1.99 19.73 -23.47
CA ILE A 376 2.20 19.84 -24.94
C ILE A 376 3.31 20.89 -25.15
N LEU A 377 4.42 20.48 -25.77
CA LEU A 377 5.58 21.36 -26.07
C LEU A 377 5.66 21.59 -27.58
N ASN A 378 5.49 22.85 -28.01
CA ASN A 378 5.70 23.30 -29.41
C ASN A 378 6.94 24.21 -29.45
N ALA A 379 8.01 23.74 -30.10
CA ALA A 379 9.21 24.52 -30.44
C ALA A 379 9.20 24.82 -31.95
N SER A 380 9.40 26.08 -32.33
CA SER A 380 9.38 26.56 -33.74
C SER A 380 10.49 25.86 -34.55
N ASN A 381 11.63 25.58 -33.92
CA ASN A 381 12.80 24.89 -34.54
C ASN A 381 13.07 23.57 -33.82
N ASP A 382 13.89 22.70 -34.43
CA ASP A 382 14.32 21.40 -33.86
C ASP A 382 15.16 21.68 -32.60
N ILE A 383 14.74 21.10 -31.47
CA ILE A 383 15.45 21.18 -30.14
C ILE A 383 15.71 19.74 -29.66
N SER A 384 16.99 19.37 -29.56
CA SER A 384 17.48 17.97 -29.33
C SER A 384 16.99 17.44 -27.98
N SER A 385 17.57 17.94 -26.88
CA SER A 385 17.43 17.38 -25.50
C SER A 385 16.73 18.38 -24.57
N ALA A 386 15.41 18.23 -24.40
CA ALA A 386 14.56 19.02 -23.49
C ALA A 386 14.30 18.22 -22.21
N THR A 387 14.22 18.91 -21.06
CA THR A 387 14.12 18.31 -19.71
C THR A 387 13.03 19.01 -18.89
N ILE A 388 12.20 18.23 -18.19
CA ILE A 388 11.19 18.71 -17.19
C ILE A 388 11.47 18.02 -15.85
N LYS A 389 11.26 18.73 -14.74
CA LYS A 389 11.51 18.22 -13.36
C LYS A 389 10.61 18.95 -12.35
N LEU A 390 9.79 18.19 -11.61
CA LEU A 390 8.90 18.68 -10.53
C LEU A 390 9.59 18.46 -9.18
N VAL A 391 10.00 19.53 -8.51
CA VAL A 391 11.07 19.52 -7.46
C VAL A 391 10.81 20.58 -6.40
N GLN A 392 11.37 20.39 -5.20
CA GLN A 392 11.29 21.28 -4.01
C GLN A 392 11.96 22.63 -4.31
N VAL A 393 11.39 23.73 -3.77
CA VAL A 393 11.63 25.15 -4.17
C VAL A 393 13.08 25.55 -3.91
N GLY A 394 13.65 25.18 -2.76
CA GLY A 394 14.97 25.64 -2.30
C GLY A 394 16.09 25.25 -3.25
N GLY A 395 17.31 25.72 -2.99
CA GLY A 395 18.54 25.25 -3.66
C GLY A 395 19.17 24.08 -2.92
N GLY A 396 20.40 23.72 -3.28
CA GLY A 396 21.22 22.69 -2.60
C GLY A 396 20.54 21.33 -2.58
N ASP A 397 20.41 20.73 -1.41
CA ASP A 397 19.86 19.36 -1.19
C ASP A 397 18.44 19.27 -1.78
N ASN A 398 17.70 20.38 -1.78
CA ASN A 398 16.25 20.44 -2.09
C ASN A 398 15.98 19.89 -3.50
N ASP A 399 16.90 20.05 -4.45
CA ASP A 399 16.66 19.60 -5.85
C ASP A 399 17.05 18.12 -6.01
N ASN A 400 17.16 17.39 -4.90
CA ASN A 400 17.24 15.90 -4.88
C ASN A 400 15.90 15.31 -4.41
N ILE A 401 14.94 16.18 -4.06
CA ILE A 401 13.54 15.82 -3.69
C ILE A 401 12.63 16.15 -4.88
N PHE A 402 12.33 15.18 -5.74
CA PHE A 402 11.53 15.39 -6.97
C PHE A 402 10.66 14.16 -7.28
N VAL A 403 9.51 14.39 -7.91
CA VAL A 403 8.48 13.36 -8.24
C VAL A 403 8.91 12.65 -9.53
N PHE A 404 9.42 13.40 -10.52
CA PHE A 404 9.91 12.86 -11.82
C PHE A 404 11.00 13.79 -12.38
N LEU A 405 11.94 13.19 -13.11
CA LEU A 405 12.93 13.88 -13.97
C LEU A 405 12.80 13.28 -15.37
N LEU A 406 12.08 13.94 -16.28
CA LEU A 406 11.90 13.53 -17.69
C LEU A 406 13.03 14.16 -18.52
N GLU A 407 13.86 13.32 -19.15
CA GLU A 407 15.05 13.72 -19.95
C GLU A 407 14.88 13.22 -21.39
N ASP A 408 15.73 13.69 -22.31
CA ASP A 408 15.79 13.24 -23.72
C ASP A 408 14.38 13.25 -24.33
N VAL A 409 13.73 14.42 -24.32
CA VAL A 409 12.41 14.67 -24.98
C VAL A 409 12.70 15.34 -26.33
N LYS A 410 12.58 14.58 -27.43
CA LYS A 410 12.89 15.04 -28.82
C LYS A 410 11.73 15.91 -29.33
N LEU A 411 11.79 17.22 -29.10
CA LEU A 411 10.76 18.22 -29.52
C LEU A 411 11.06 18.66 -30.96
N THR A 412 10.37 18.05 -31.94
CA THR A 412 10.54 18.30 -33.41
C THR A 412 9.93 19.66 -33.77
N ALA A 413 10.47 20.31 -34.82
CA ALA A 413 10.09 21.66 -35.28
C ALA A 413 8.66 21.66 -35.82
N GLY A 414 7.75 22.38 -35.15
CA GLY A 414 6.36 22.57 -35.59
C GLY A 414 5.40 21.55 -34.98
N GLU A 415 5.80 20.28 -34.90
CA GLU A 415 5.01 19.17 -34.31
C GLU A 415 4.72 19.50 -32.84
N ASP A 416 3.45 19.46 -32.44
CA ASP A 416 2.97 19.73 -31.05
C ASP A 416 3.07 18.42 -30.24
N VAL A 417 4.25 18.10 -29.74
CA VAL A 417 4.58 16.79 -29.08
C VAL A 417 4.16 16.83 -27.61
N THR A 418 3.81 15.64 -27.07
CA THR A 418 3.35 15.41 -25.68
C THR A 418 4.51 14.86 -24.84
N ALA A 419 4.83 15.52 -23.73
CA ALA A 419 5.78 15.05 -22.70
C ALA A 419 4.98 14.46 -21.53
N LYS A 420 4.92 13.12 -21.44
CA LYS A 420 4.03 12.38 -20.52
C LYS A 420 4.86 11.58 -19.50
N VAL A 421 4.35 11.49 -18.27
CA VAL A 421 4.91 10.68 -17.15
C VAL A 421 3.75 9.94 -16.48
N ILE A 422 3.59 8.64 -16.77
CA ILE A 422 2.39 7.82 -16.38
C ILE A 422 2.70 7.03 -15.10
N ASN A 423 1.98 7.32 -14.02
CA ASN A 423 1.94 6.52 -12.76
C ASN A 423 3.31 6.55 -12.07
N ALA A 424 3.94 7.73 -12.03
CA ALA A 424 5.20 7.98 -11.28
C ALA A 424 4.89 7.94 -9.79
N LYS A 425 5.70 7.20 -9.02
CA LYS A 425 5.65 7.19 -7.54
C LYS A 425 5.91 8.61 -7.03
N GLY A 426 5.13 9.07 -6.05
CA GLY A 426 5.23 10.42 -5.48
C GLY A 426 6.40 10.54 -4.52
N VAL A 427 6.52 11.69 -3.86
CA VAL A 427 7.60 12.06 -2.90
C VAL A 427 7.11 13.28 -2.12
N ASP A 428 7.51 13.45 -0.87
CA ASP A 428 7.01 14.53 0.02
C ASP A 428 7.70 15.84 -0.35
N ILE A 429 6.94 16.79 -0.93
CA ILE A 429 7.41 18.16 -1.28
C ILE A 429 6.56 19.18 -0.53
N THR A 430 7.19 20.24 0.00
CA THR A 430 6.57 21.31 0.81
C THR A 430 6.10 22.45 -0.12
N GLN A 431 7.02 23.00 -0.91
CA GLN A 431 6.78 24.08 -1.90
C GLN A 431 7.38 23.66 -3.24
N ALA A 432 6.59 22.96 -4.07
CA ALA A 432 6.99 22.43 -5.40
C ALA A 432 7.30 23.57 -6.37
N LYS A 433 8.05 23.27 -7.43
CA LYS A 433 8.37 24.20 -8.55
C LYS A 433 8.59 23.34 -9.80
N LEU A 434 8.14 23.84 -10.96
CA LEU A 434 8.25 23.11 -12.26
C LEU A 434 9.40 23.72 -13.07
N VAL A 435 10.48 22.96 -13.27
CA VAL A 435 11.72 23.38 -13.98
C VAL A 435 11.68 22.83 -15.41
N PHE A 436 11.77 23.72 -16.40
CA PHE A 436 11.95 23.39 -17.84
C PHE A 436 13.37 23.76 -18.24
N ASP A 437 13.99 22.97 -19.13
CA ASP A 437 15.31 23.29 -19.75
C ASP A 437 15.24 23.01 -21.26
N PHE A 438 15.76 23.95 -22.05
CA PHE A 438 15.88 23.89 -23.53
C PHE A 438 17.33 24.20 -23.91
N GLY A 439 18.22 23.23 -23.68
CA GLY A 439 19.64 23.28 -24.05
C GLY A 439 19.87 22.70 -25.43
N GLY A 440 20.60 23.41 -26.29
CA GLY A 440 20.89 23.03 -27.68
C GLY A 440 19.87 23.59 -28.65
N ASN A 441 19.26 24.73 -28.33
CA ASN A 441 18.21 25.40 -29.15
C ASN A 441 18.88 26.28 -30.20
N PRO A 442 18.40 26.27 -31.47
CA PRO A 442 18.83 27.25 -32.46
C PRO A 442 18.44 28.68 -32.07
N ALA A 443 18.86 29.67 -32.89
CA ALA A 443 18.51 31.09 -32.73
C ALA A 443 17.04 31.31 -33.13
N ASN A 444 16.44 32.40 -32.66
CA ASN A 444 15.04 32.82 -32.93
C ASN A 444 14.12 31.60 -32.85
N THR A 445 14.18 30.88 -31.73
CA THR A 445 13.31 29.72 -31.40
C THR A 445 12.19 30.16 -30.46
N GLU A 446 10.94 29.95 -30.86
CA GLU A 446 9.73 30.23 -30.05
C GLU A 446 9.25 28.90 -29.45
N VAL A 447 9.20 28.81 -28.12
CA VAL A 447 8.66 27.64 -27.37
C VAL A 447 7.33 28.05 -26.74
N ILE A 448 6.26 27.30 -27.05
CA ILE A 448 4.90 27.46 -26.47
C ILE A 448 4.67 26.31 -25.49
N ILE A 449 4.50 26.63 -24.20
CA ILE A 449 4.11 25.66 -23.13
C ILE A 449 2.59 25.72 -22.99
N LYS A 450 1.89 24.64 -23.33
CA LYS A 450 0.41 24.60 -23.45
C LYS A 450 -0.16 23.44 -22.62
N ASP A 451 -1.10 23.76 -21.72
CA ASP A 451 -2.02 22.78 -21.06
C ASP A 451 -1.22 21.86 -20.14
N ILE A 452 -0.55 22.43 -19.14
CA ILE A 452 0.14 21.68 -18.04
C ILE A 452 -0.94 21.05 -17.16
N ILE A 453 -0.90 19.72 -16.98
CA ILE A 453 -1.86 18.98 -16.12
C ILE A 453 -1.09 18.03 -15.18
N LEU A 454 -1.47 18.03 -13.90
CA LEU A 454 -0.87 17.21 -12.81
C LEU A 454 -2.01 16.70 -11.91
N GLN A 455 -2.08 15.39 -11.68
CA GLN A 455 -3.21 14.71 -11.00
C GLN A 455 -2.71 13.47 -10.24
N LYS A 456 -3.58 12.85 -9.44
CA LYS A 456 -3.39 11.47 -8.91
C LYS A 456 -3.51 10.52 -10.11
N HIS A 457 -3.11 9.25 -9.95
CA HIS A 457 -3.30 8.22 -11.01
C HIS A 457 -4.80 8.04 -11.26
N LYS A 458 -5.22 8.05 -12.53
CA LYS A 458 -6.64 7.99 -12.95
C LYS A 458 -7.14 6.54 -12.86
N ASP A 459 -6.36 5.58 -13.35
CA ASP A 459 -6.68 4.13 -13.36
C ASP A 459 -5.98 3.45 -12.18
N ASP B 45 -14.38 56.32 21.24
CA ASP B 45 -14.98 56.22 22.61
C ASP B 45 -16.41 55.66 22.51
N CYS B 46 -17.14 56.01 21.46
CA CYS B 46 -18.54 55.58 21.20
C CYS B 46 -18.58 54.17 20.57
N ILE B 47 -17.45 53.70 20.02
CA ILE B 47 -17.32 52.38 19.32
C ILE B 47 -16.94 51.30 20.34
N ARG B 48 -17.81 50.30 20.53
CA ARG B 48 -17.61 49.13 21.43
C ARG B 48 -17.96 47.84 20.69
N ILE B 49 -16.97 47.00 20.40
CA ILE B 49 -17.12 45.72 19.63
C ILE B 49 -17.49 44.60 20.62
N ASP B 50 -18.25 43.61 20.16
CA ASP B 50 -18.70 42.43 20.96
C ASP B 50 -18.70 41.19 20.06
N VAL B 51 -17.97 40.15 20.45
CA VAL B 51 -17.84 38.85 19.70
C VAL B 51 -18.58 37.77 20.48
N ASN B 52 -19.58 37.13 19.86
CA ASN B 52 -20.28 35.94 20.41
C ASN B 52 -19.50 34.70 19.95
N GLN B 53 -18.75 34.07 20.86
CA GLN B 53 -17.75 33.02 20.56
C GLN B 53 -18.45 31.67 20.32
N GLU B 54 -19.69 31.51 20.78
CA GLU B 54 -20.50 30.27 20.58
C GLU B 54 -21.11 30.23 19.18
N THR B 55 -21.41 31.40 18.57
CA THR B 55 -22.09 31.54 17.26
C THR B 55 -21.16 32.16 16.21
N ASN B 56 -20.09 32.85 16.63
CA ASN B 56 -19.06 33.46 15.74
C ASN B 56 -19.68 34.65 15.00
N TYR B 57 -20.51 35.45 15.70
CA TYR B 57 -21.12 36.70 15.19
C TYR B 57 -20.51 37.91 15.90
N VAL B 58 -19.83 38.78 15.14
CA VAL B 58 -19.21 40.04 15.64
C VAL B 58 -20.26 41.16 15.54
N THR B 59 -20.63 41.76 16.67
CA THR B 59 -21.58 42.91 16.77
C THR B 59 -20.78 44.22 16.74
N PHE B 60 -21.16 45.13 15.84
CA PHE B 60 -20.56 46.48 15.67
C PHE B 60 -21.55 47.55 16.16
N SER B 61 -21.04 48.54 16.90
CA SER B 61 -21.82 49.70 17.44
C SER B 61 -21.03 51.00 17.22
N TRP B 72 -17.47 52.00 8.50
CA TRP B 72 -17.10 50.56 8.58
C TRP B 72 -16.47 50.10 7.25
N ILE B 73 -15.15 49.81 7.25
CA ILE B 73 -14.40 49.23 6.09
C ILE B 73 -13.97 47.81 6.48
N ILE B 74 -14.76 46.80 6.10
CA ILE B 74 -14.62 45.38 6.54
C ILE B 74 -13.46 44.72 5.78
N ASP B 75 -12.34 44.49 6.47
CA ASP B 75 -11.15 43.72 6.01
C ASP B 75 -10.95 43.90 4.50
N TYR B 79 -18.63 49.55 3.21
CA TYR B 79 -20.04 49.53 2.73
C TYR B 79 -21.00 49.51 3.93
N SER B 80 -21.99 50.43 3.92
CA SER B 80 -23.02 50.61 4.97
C SER B 80 -22.41 51.22 6.23
N SER B 81 -22.73 52.48 6.52
CA SER B 81 -22.28 53.24 7.73
C SER B 81 -23.41 53.31 8.77
N SER B 82 -24.42 52.42 8.66
CA SER B 82 -25.55 52.28 9.62
C SER B 82 -25.08 51.51 10.86
N PHE B 83 -25.56 51.91 12.05
CA PHE B 83 -25.06 51.47 13.38
C PHE B 83 -25.76 50.18 13.85
N ASN B 84 -25.23 49.57 14.90
CA ASN B 84 -25.75 48.35 15.60
C ASN B 84 -26.04 47.24 14.58
N MET B 85 -24.99 46.62 14.03
CA MET B 85 -25.10 45.51 13.02
C MET B 85 -24.16 44.35 13.39
N THR B 86 -24.35 43.19 12.74
CA THR B 86 -23.66 41.91 13.05
C THR B 86 -23.20 41.21 11.76
N LYS B 87 -21.99 40.63 11.77
CA LYS B 87 -21.40 39.87 10.64
C LYS B 87 -20.95 38.49 11.14
N TYR B 88 -21.17 37.45 10.32
CA TYR B 88 -20.80 36.03 10.60
C TYR B 88 -19.33 35.80 10.18
N TYR B 89 -18.48 35.46 11.16
CA TYR B 89 -17.04 35.13 10.98
C TYR B 89 -16.81 33.65 11.29
N ARG B 90 -17.07 32.78 10.30
CA ARG B 90 -17.05 31.30 10.45
C ARG B 90 -15.63 30.81 10.78
N LYS B 91 -14.66 31.07 9.89
CA LYS B 91 -13.24 30.67 10.06
C LYS B 91 -12.65 31.47 11.23
N ALA B 92 -11.80 30.84 12.05
CA ALA B 92 -11.08 31.47 13.17
C ALA B 92 -9.90 32.30 12.62
N GLY B 93 -9.39 33.24 13.42
CA GLY B 93 -8.20 34.05 13.10
C GLY B 93 -8.28 35.46 13.66
N ASP B 94 -7.34 36.32 13.26
CA ASP B 94 -7.30 37.76 13.61
C ASP B 94 -8.01 38.55 12.49
N TYR B 95 -8.86 39.50 12.89
CA TYR B 95 -9.67 40.36 11.96
C TYR B 95 -9.66 41.81 12.48
N SER B 96 -9.93 42.75 11.57
CA SER B 96 -9.99 44.22 11.86
C SER B 96 -10.98 44.90 10.92
N VAL B 97 -11.45 46.10 11.30
CA VAL B 97 -12.41 46.95 10.55
C VAL B 97 -12.05 48.42 10.76
N GLU B 98 -12.01 49.21 9.68
CA GLU B 98 -11.73 50.68 9.71
C GLU B 98 -13.06 51.43 9.92
N VAL B 99 -13.17 52.17 11.02
CA VAL B 99 -14.44 52.82 11.48
C VAL B 99 -14.76 53.99 10.54
N ILE B 112 -9.21 55.20 12.59
CA ILE B 112 -9.41 54.32 13.78
C ILE B 112 -9.82 52.93 13.30
N THR B 113 -8.94 51.93 13.48
CA THR B 113 -9.19 50.49 13.20
C THR B 113 -9.19 49.73 14.53
N ARG B 114 -10.07 48.73 14.67
CA ARG B 114 -10.29 47.94 15.91
C ARG B 114 -9.86 46.48 15.70
N ASN B 115 -9.05 45.93 16.61
CA ASN B 115 -8.52 44.55 16.56
C ASN B 115 -9.41 43.63 17.40
N PHE B 116 -9.94 42.57 16.78
CA PHE B 116 -10.77 41.51 17.44
C PHE B 116 -10.36 40.14 16.89
N HIS B 117 -10.62 39.07 17.66
CA HIS B 117 -10.16 37.68 17.40
C HIS B 117 -11.33 36.70 17.48
N ILE B 118 -11.36 35.71 16.58
CA ILE B 118 -12.29 34.54 16.61
C ILE B 118 -11.53 33.33 17.17
N ASP B 119 -12.00 32.77 18.28
CA ASP B 119 -11.34 31.65 19.00
C ASP B 119 -11.32 30.40 18.10
N LYS B 120 -12.50 29.84 17.82
CA LYS B 120 -12.66 28.49 17.19
C LYS B 120 -13.49 28.59 15.90
N THR B 121 -12.99 27.99 14.82
CA THR B 121 -13.72 27.81 13.53
C THR B 121 -15.00 27.00 13.78
N ILE B 122 -16.06 27.28 13.02
CA ILE B 122 -17.29 26.44 12.97
C ILE B 122 -17.20 25.52 11.74
N MET B 123 -17.64 24.29 11.91
CA MET B 123 -17.38 23.13 11.02
C MET B 123 -18.33 23.17 9.81
N THR B 124 -17.81 22.95 8.60
CA THR B 124 -18.60 22.63 7.38
C THR B 124 -18.70 21.10 7.25
N GLY B 125 -19.76 20.60 6.61
CA GLY B 125 -19.99 19.16 6.41
C GLY B 125 -20.45 18.50 7.70
N PHE B 126 -20.52 17.17 7.70
CA PHE B 126 -21.13 16.34 8.77
C PHE B 126 -20.52 16.72 10.13
N GLY B 127 -21.38 16.82 11.15
CA GLY B 127 -21.03 17.24 12.52
C GLY B 127 -20.99 16.08 13.50
N GLY B 128 -21.15 14.85 13.00
CA GLY B 128 -20.99 13.60 13.77
C GLY B 128 -22.26 13.23 14.53
N PHE B 129 -22.25 12.04 15.14
CA PHE B 129 -23.31 11.54 16.06
C PHE B 129 -23.30 12.37 17.35
N ASP B 130 -24.30 12.17 18.21
CA ASP B 130 -24.52 12.98 19.43
C ASP B 130 -23.75 12.35 20.59
N PRO B 131 -22.68 13.01 21.08
CA PRO B 131 -21.89 12.46 22.19
C PRO B 131 -22.56 12.55 23.57
N GLU B 132 -23.64 13.32 23.70
CA GLU B 132 -24.37 13.54 24.98
C GLU B 132 -25.47 12.48 25.14
N SER B 133 -25.86 11.83 24.03
CA SER B 133 -26.92 10.80 23.97
C SER B 133 -26.65 9.66 24.98
N ASN B 134 -27.73 9.02 25.43
CA ASN B 134 -27.70 7.85 26.36
C ASN B 134 -27.17 6.62 25.62
N PHE B 135 -27.15 6.65 24.28
CA PHE B 135 -26.73 5.52 23.41
C PHE B 135 -25.20 5.52 23.21
N ASN B 136 -24.51 6.59 23.62
CA ASN B 136 -23.03 6.71 23.49
C ASN B 136 -22.35 5.77 24.51
N ILE B 137 -21.88 4.62 24.03
CA ILE B 137 -21.21 3.55 24.84
C ILE B 137 -19.96 4.11 25.51
N TRP B 138 -19.27 5.05 24.86
CA TRP B 138 -18.06 5.74 25.39
C TRP B 138 -18.33 6.35 26.77
N ARG B 139 -19.54 6.88 26.96
CA ARG B 139 -19.94 7.67 28.16
C ARG B 139 -20.12 6.74 29.37
N THR B 140 -20.47 5.49 29.14
CA THR B 140 -20.79 4.46 30.16
C THR B 140 -19.53 3.70 30.54
N ALA B 141 -18.50 3.76 29.68
CA ALA B 141 -17.31 2.88 29.73
C ALA B 141 -16.23 3.53 30.58
N THR B 142 -15.34 2.70 31.13
CA THR B 142 -14.07 3.09 31.79
C THR B 142 -13.06 3.42 30.69
N ILE B 143 -12.87 4.71 30.40
CA ILE B 143 -11.86 5.21 29.44
C ILE B 143 -10.60 5.54 30.24
N SER B 144 -9.43 5.14 29.73
CA SER B 144 -8.13 5.39 30.40
C SER B 144 -7.65 6.81 30.07
N GLU B 145 -6.77 7.36 30.91
CA GLU B 145 -5.96 8.58 30.62
C GLU B 145 -5.29 8.41 29.27
N PRO B 146 -5.09 9.50 28.50
CA PRO B 146 -4.24 9.43 27.31
C PRO B 146 -2.81 9.07 27.72
N THR B 147 -2.18 8.16 26.99
CA THR B 147 -0.71 7.91 27.00
C THR B 147 -0.18 8.32 25.62
N PHE B 148 1.13 8.32 25.42
CA PHE B 148 1.77 8.84 24.18
C PHE B 148 2.99 7.99 23.83
N TRP B 149 3.27 7.90 22.53
CA TRP B 149 4.59 7.49 21.99
C TRP B 149 5.00 8.48 20.90
N TYR B 150 5.91 9.41 21.25
CA TYR B 150 6.35 10.56 20.43
C TYR B 150 7.82 10.33 20.04
N ALA B 151 8.09 10.04 18.77
CA ALA B 151 9.41 9.57 18.29
C ALA B 151 9.73 10.10 16.88
N PRO B 152 10.09 11.40 16.74
CA PRO B 152 10.66 11.88 15.49
C PRO B 152 11.86 10.99 15.16
N GLY B 153 11.96 10.55 13.90
CA GLY B 153 13.01 9.63 13.41
C GLY B 153 13.06 8.33 14.18
N TRP B 154 11.93 7.88 14.75
CA TRP B 154 11.83 6.62 15.53
C TRP B 154 12.72 6.68 16.78
N SER B 155 13.15 7.89 17.18
CA SER B 155 13.91 8.14 18.43
C SER B 155 12.97 8.82 19.43
N GLN B 156 12.42 8.04 20.38
CA GLN B 156 11.38 8.51 21.33
C GLN B 156 11.93 9.67 22.18
N ILE B 157 11.12 10.72 22.35
CA ILE B 157 11.42 11.91 23.20
C ILE B 157 10.29 12.04 24.24
N ALA B 158 10.42 13.00 25.16
CA ALA B 158 9.45 13.27 26.24
C ALA B 158 8.03 13.40 25.64
N ASP B 159 7.03 12.96 26.40
CA ASP B 159 5.60 13.04 26.01
C ASP B 159 5.25 14.49 25.74
N PRO B 160 4.39 14.76 24.72
CA PRO B 160 3.92 16.11 24.47
C PRO B 160 3.05 16.59 25.65
N ALA B 161 2.93 17.90 25.81
CA ALA B 161 2.02 18.55 26.77
C ALA B 161 0.58 18.27 26.32
N TYR B 162 -0.31 17.92 27.24
CA TYR B 162 -1.74 17.61 26.94
C TYR B 162 -2.62 18.12 28.07
N SER B 163 -3.86 18.43 27.73
CA SER B 163 -4.99 18.66 28.65
C SER B 163 -6.19 17.83 28.20
N LEU B 164 -6.96 17.29 29.17
CA LEU B 164 -8.30 16.70 28.95
C LEU B 164 -9.32 17.50 29.77
N VAL B 165 -10.28 18.13 29.08
CA VAL B 165 -11.39 18.93 29.68
C VAL B 165 -12.70 18.50 28.99
N ASN B 166 -13.64 17.90 29.73
CA ASN B 166 -14.99 17.51 29.23
C ASN B 166 -14.89 16.74 27.91
N GLY B 167 -14.03 15.73 27.85
CA GLY B 167 -13.90 14.83 26.68
C GLY B 167 -13.10 15.47 25.56
N THR B 168 -12.49 16.64 25.78
CA THR B 168 -11.75 17.40 24.75
C THR B 168 -10.25 17.30 25.05
N TYR B 169 -9.52 16.65 24.14
CA TYR B 169 -8.05 16.47 24.22
C TYR B 169 -7.37 17.58 23.41
N THR B 170 -6.33 18.18 24.00
CA THR B 170 -5.40 19.14 23.35
C THR B 170 -4.00 18.55 23.44
N VAL B 171 -3.33 18.35 22.30
CA VAL B 171 -1.94 17.79 22.24
C VAL B 171 -1.06 18.75 21.41
N THR B 172 0.03 19.21 22.02
CA THR B 172 1.01 20.17 21.43
C THR B 172 2.26 19.40 21.01
N LEU B 173 2.60 19.46 19.72
CA LEU B 173 3.72 18.71 19.09
C LEU B 173 4.78 19.71 18.60
N PRO B 174 5.78 20.07 19.45
CA PRO B 174 6.85 20.98 19.02
C PRO B 174 7.72 20.41 17.88
N GLU B 175 8.14 19.15 17.99
CA GLU B 175 8.99 18.47 16.96
C GLU B 175 8.12 18.01 15.80
N ALA B 176 8.66 18.04 14.59
CA ALA B 176 8.02 17.50 13.36
C ALA B 176 8.17 15.98 13.34
N THR B 177 7.26 15.29 12.66
CA THR B 177 7.34 13.83 12.36
C THR B 177 7.05 13.62 10.87
N SER B 178 7.57 12.53 10.31
CA SER B 178 7.50 12.19 8.87
C SER B 178 6.56 11.01 8.63
N GLU B 179 6.55 10.04 9.55
CA GLU B 179 5.97 8.69 9.32
C GLU B 179 4.76 8.49 10.23
N THR B 180 3.76 7.76 9.74
CA THR B 180 2.65 7.18 10.53
C THR B 180 3.25 6.38 11.69
N TRP B 181 2.79 6.66 12.91
CA TRP B 181 3.09 5.96 14.19
C TRP B 181 4.21 6.67 14.96
N GLN B 182 4.62 7.87 14.54
CA GLN B 182 5.73 8.62 15.20
C GLN B 182 5.18 9.60 16.25
N ALA B 183 3.86 9.68 16.41
CA ALA B 183 3.21 10.58 17.40
C ALA B 183 1.86 9.99 17.82
N GLN B 184 1.90 8.90 18.59
CA GLN B 184 0.70 8.10 18.97
C GLN B 184 0.10 8.65 20.26
N MET B 185 -1.24 8.66 20.34
CA MET B 185 -2.02 8.82 21.60
C MET B 185 -3.00 7.66 21.68
N PRO B 186 -2.63 6.52 22.32
CA PRO B 186 -3.55 5.42 22.56
C PRO B 186 -4.49 5.74 23.74
N ILE B 187 -5.77 5.38 23.59
CA ILE B 187 -6.78 5.44 24.67
C ILE B 187 -7.32 4.03 24.85
N LYS B 188 -6.93 3.39 25.96
CA LYS B 188 -7.39 2.04 26.35
C LYS B 188 -8.78 2.17 26.97
N THR B 189 -9.74 1.39 26.50
CA THR B 189 -11.12 1.33 27.05
C THR B 189 -11.40 -0.07 27.59
N ASN B 190 -12.52 -0.22 28.32
CA ASN B 190 -13.04 -1.55 28.73
C ASN B 190 -14.28 -1.90 27.89
N ILE B 191 -14.38 -1.39 26.66
CA ILE B 191 -15.59 -1.58 25.82
C ILE B 191 -15.52 -2.93 25.09
N ALA B 192 -16.50 -3.79 25.33
CA ALA B 192 -16.71 -5.07 24.62
C ALA B 192 -17.77 -4.86 23.54
N THR B 193 -17.58 -5.43 22.35
CA THR B 193 -18.58 -5.50 21.25
C THR B 193 -18.89 -6.96 20.89
N ASP B 194 -19.96 -7.17 20.14
CA ASP B 194 -20.54 -8.49 19.78
C ASP B 194 -20.62 -8.65 18.26
N ALA B 195 -20.26 -9.82 17.75
CA ALA B 195 -20.39 -10.24 16.33
C ALA B 195 -21.85 -10.09 15.86
N GLY B 196 -22.82 -10.27 16.76
CA GLY B 196 -24.25 -10.11 16.46
C GLY B 196 -24.59 -8.73 15.90
N LYS B 197 -24.22 -7.66 16.62
CA LYS B 197 -24.74 -6.27 16.43
C LYS B 197 -23.93 -5.54 15.35
N ASN B 198 -24.36 -4.33 14.99
CA ASN B 198 -23.67 -3.41 14.05
C ASN B 198 -23.49 -2.05 14.78
N TYR B 199 -22.43 -1.31 14.44
CA TYR B 199 -21.93 -0.18 15.28
C TYR B 199 -21.66 1.07 14.45
N ASP B 200 -21.91 2.23 15.06
CA ASP B 200 -21.62 3.58 14.53
C ASP B 200 -20.52 4.21 15.38
N PHE B 201 -19.64 5.00 14.75
CA PHE B 201 -18.53 5.72 15.42
C PHE B 201 -18.39 7.10 14.77
N SER B 202 -18.04 8.11 15.57
CA SER B 202 -17.63 9.45 15.10
C SER B 202 -16.67 10.10 16.12
N VAL B 203 -15.73 10.89 15.62
CA VAL B 203 -14.87 11.81 16.40
C VAL B 203 -14.64 13.06 15.54
N ILE B 204 -14.32 14.19 16.17
CA ILE B 204 -14.04 15.49 15.48
C ILE B 204 -12.56 15.83 15.73
N LEU B 205 -11.83 16.11 14.65
CA LEU B 205 -10.36 16.36 14.66
C LEU B 205 -10.07 17.77 14.14
N THR B 206 -9.12 18.47 14.77
CA THR B 206 -8.65 19.81 14.35
C THR B 206 -7.14 19.93 14.61
N SER B 207 -6.38 20.38 13.61
CA SER B 207 -4.97 20.81 13.71
C SER B 207 -4.87 22.31 13.44
N THR B 208 -4.03 23.03 14.20
CA THR B 208 -3.77 24.48 14.00
C THR B 208 -2.94 24.69 12.72
N ILE B 209 -2.23 23.65 12.28
CA ILE B 209 -1.37 23.67 11.05
C ILE B 209 -1.83 22.56 10.10
N ASP B 210 -1.76 22.80 8.78
CA ASP B 210 -2.11 21.80 7.74
C ASP B 210 -1.46 20.47 8.14
N HIS B 211 -2.19 19.36 7.99
CA HIS B 211 -1.70 18.00 8.31
C HIS B 211 -2.02 17.07 7.14
N PRO B 212 -1.00 16.38 6.57
CA PRO B 212 -1.23 15.47 5.47
C PRO B 212 -1.99 14.18 5.82
N ASN B 213 -1.77 13.59 7.00
CA ASN B 213 -2.43 12.30 7.40
C ASN B 213 -2.44 12.07 8.91
N VAL B 214 -3.62 12.22 9.52
CA VAL B 214 -3.90 11.82 10.93
C VAL B 214 -4.61 10.46 10.91
N THR B 215 -4.16 9.51 11.73
CA THR B 215 -4.68 8.12 11.77
C THR B 215 -5.57 7.95 13.00
N VAL B 216 -6.73 7.31 12.84
CA VAL B 216 -7.65 6.89 13.94
C VAL B 216 -7.93 5.40 13.74
N LYS B 217 -7.56 4.55 14.71
CA LYS B 217 -7.74 3.08 14.66
C LYS B 217 -8.51 2.63 15.90
N LEU B 218 -9.62 1.91 15.69
CA LEU B 218 -10.42 1.24 16.75
C LEU B 218 -10.13 -0.26 16.67
N VAL B 219 -9.39 -0.80 17.65
CA VAL B 219 -8.63 -2.08 17.52
C VAL B 219 -8.83 -2.94 18.77
N ASP B 220 -8.85 -4.27 18.60
CA ASP B 220 -8.81 -5.25 19.70
C ASP B 220 -7.50 -5.05 20.49
N ALA B 221 -7.60 -4.86 21.80
CA ALA B 221 -6.46 -4.54 22.70
C ALA B 221 -5.43 -5.69 22.70
N THR B 222 -5.82 -6.89 22.28
CA THR B 222 -5.00 -8.13 22.31
C THR B 222 -4.56 -8.57 20.90
N GLU B 223 -5.11 -7.98 19.83
CA GLU B 223 -4.87 -8.45 18.43
C GLU B 223 -4.92 -7.26 17.45
N ASP B 224 -3.75 -6.85 16.95
CA ASP B 224 -3.57 -5.68 16.05
C ASP B 224 -4.26 -5.90 14.71
N LYS B 225 -4.50 -7.16 14.32
CA LYS B 225 -5.09 -7.52 13.00
C LYS B 225 -6.61 -7.37 13.03
N ILE B 226 -7.23 -7.31 14.23
CA ILE B 226 -8.69 -7.16 14.43
C ILE B 226 -9.01 -5.70 14.77
N TYR B 227 -9.69 -4.99 13.86
CA TYR B 227 -10.05 -3.55 14.05
C TYR B 227 -11.29 -3.23 13.23
N TYR B 228 -12.10 -2.28 13.73
CA TYR B 228 -13.31 -1.75 13.05
C TYR B 228 -12.87 -0.92 11.84
N PHE B 229 -11.77 -0.19 11.97
CA PHE B 229 -11.20 0.65 10.89
C PHE B 229 -9.78 1.08 11.25
N GLU B 230 -9.05 1.56 10.23
CA GLU B 230 -7.78 2.33 10.37
C GLU B 230 -7.85 3.47 9.36
N GLY B 231 -8.34 4.62 9.82
CA GLY B 231 -8.63 5.79 8.98
C GLY B 231 -7.37 6.53 8.59
N LYS B 232 -7.48 7.38 7.57
CA LYS B 232 -6.45 8.38 7.18
C LYS B 232 -7.21 9.66 6.79
N THR B 233 -7.00 10.74 7.54
CA THR B 233 -7.68 12.05 7.38
C THR B 233 -6.62 13.14 7.20
N PRO B 234 -6.59 13.84 6.05
CA PRO B 234 -5.81 15.07 5.93
C PRO B 234 -6.59 16.20 6.62
N LEU B 235 -5.89 17.20 7.18
CA LEU B 235 -6.52 18.30 7.94
C LEU B 235 -6.01 19.65 7.42
N VAL B 236 -6.94 20.60 7.25
CA VAL B 236 -6.68 21.99 6.82
C VAL B 236 -6.66 22.88 8.08
N ALA B 237 -5.62 23.71 8.24
CA ALA B 237 -5.40 24.57 9.42
C ALA B 237 -6.74 25.10 9.95
N ASN B 238 -7.06 24.74 11.20
CA ASN B 238 -8.19 25.28 12.00
C ASN B 238 -9.55 24.76 11.47
N GLU B 239 -9.58 23.89 10.45
CA GLU B 239 -10.86 23.33 9.93
C GLU B 239 -11.15 22.01 10.64
N PRO B 240 -12.12 21.99 11.59
CA PRO B 240 -12.59 20.73 12.17
C PRO B 240 -13.09 19.77 11.08
N VAL B 241 -12.70 18.50 11.17
CA VAL B 241 -13.20 17.39 10.31
C VAL B 241 -13.80 16.33 11.23
N CYS B 242 -14.94 15.78 10.84
CA CYS B 242 -15.58 14.61 11.50
C CYS B 242 -15.12 13.33 10.78
N PHE B 243 -14.38 12.47 11.48
CA PHE B 243 -14.09 11.08 11.07
C PHE B 243 -15.16 10.17 11.67
N TRP B 244 -15.95 9.50 10.83
CA TRP B 244 -17.17 8.75 11.22
C TRP B 244 -17.31 7.49 10.38
N LYS B 245 -18.04 6.50 10.89
CA LYS B 245 -18.44 5.28 10.18
C LYS B 245 -19.88 4.94 10.59
N SER B 246 -20.65 4.34 9.69
CA SER B 246 -22.06 3.91 9.93
C SER B 246 -22.19 2.44 9.56
N ASN B 247 -22.81 1.65 10.45
CA ASN B 247 -23.23 0.25 10.19
C ASN B 247 -21.98 -0.61 9.98
N MET B 248 -21.04 -0.54 10.92
CA MET B 248 -19.81 -1.39 10.94
C MET B 248 -20.22 -2.80 11.38
N PRO B 249 -19.82 -3.87 10.66
CA PRO B 249 -20.10 -5.23 11.11
C PRO B 249 -19.40 -5.52 12.44
N GLY B 250 -20.19 -5.97 13.43
CA GLY B 250 -19.74 -6.21 14.82
C GLY B 250 -18.63 -7.24 14.87
N LEU B 251 -17.74 -7.10 15.84
CA LEU B 251 -16.61 -8.03 16.11
C LEU B 251 -16.74 -8.52 17.55
N ASP B 252 -16.45 -9.80 17.80
CA ASP B 252 -16.30 -10.34 19.17
C ASP B 252 -14.96 -9.85 19.72
N ILE B 253 -15.00 -8.75 20.49
CA ILE B 253 -13.82 -8.07 21.10
C ILE B 253 -14.13 -7.82 22.58
N ALA B 254 -13.25 -8.29 23.47
CA ALA B 254 -13.37 -8.13 24.94
C ALA B 254 -13.05 -6.67 25.35
N ASN B 255 -12.04 -6.04 24.73
CA ASN B 255 -11.56 -4.68 25.13
C ASN B 255 -11.02 -3.93 23.90
N LEU B 256 -11.66 -2.81 23.55
CA LEU B 256 -11.26 -1.94 22.42
C LEU B 256 -10.26 -0.89 22.90
N ASN B 257 -9.24 -0.62 22.10
CA ASN B 257 -8.39 0.60 22.17
C ASN B 257 -8.76 1.51 21.00
N LEU B 258 -8.98 2.79 21.27
CA LEU B 258 -9.04 3.86 20.23
C LEU B 258 -7.65 4.50 20.15
N VAL B 259 -6.95 4.31 19.04
CA VAL B 259 -5.57 4.83 18.85
C VAL B 259 -5.61 5.98 17.85
N PHE B 260 -5.14 7.16 18.28
CA PHE B 260 -4.89 8.35 17.46
C PHE B 260 -3.40 8.39 17.12
N ASP B 261 -3.06 8.83 15.90
CA ASP B 261 -1.65 9.09 15.51
C ASP B 261 -1.60 10.37 14.66
N PHE B 262 -0.62 11.22 14.98
CA PHE B 262 -0.38 12.56 14.36
C PHE B 262 0.96 12.53 13.62
N GLY B 263 1.36 11.34 13.14
CA GLY B 263 2.59 11.16 12.34
C GLY B 263 2.51 11.93 11.04
N GLY B 264 3.54 12.71 10.73
CA GLY B 264 3.54 13.64 9.59
C GLY B 264 3.27 15.08 9.99
N ASN B 265 3.13 15.35 11.28
CA ASN B 265 2.80 16.71 11.82
C ASN B 265 3.96 17.67 11.55
N ALA B 266 3.64 18.92 11.23
CA ALA B 266 4.60 20.05 11.15
C ALA B 266 4.88 20.55 12.58
N ALA B 267 6.09 21.05 12.83
CA ALA B 267 6.52 21.60 14.14
C ALA B 267 5.50 22.61 14.66
N GLY B 268 5.23 22.60 15.97
CA GLY B 268 4.34 23.57 16.65
C GLY B 268 2.87 23.20 16.51
N THR B 269 2.54 22.08 15.84
CA THR B 269 1.15 21.61 15.62
C THR B 269 0.46 21.45 16.97
N VAL B 270 -0.77 21.96 17.10
CA VAL B 270 -1.67 21.74 18.26
C VAL B 270 -2.89 20.97 17.75
N MET B 271 -3.06 19.73 18.22
CA MET B 271 -4.18 18.83 17.86
C MET B 271 -5.30 19.03 18.87
N THR B 272 -6.55 18.92 18.41
CA THR B 272 -7.77 18.89 19.25
C THR B 272 -8.56 17.63 18.84
N ILE B 273 -8.99 16.86 19.83
CA ILE B 273 -9.84 15.64 19.67
C ILE B 273 -11.02 15.77 20.62
N GLU B 274 -12.25 15.68 20.11
CA GLU B 274 -13.49 15.90 20.90
C GLU B 274 -14.63 15.07 20.32
N SER B 275 -15.73 14.98 21.09
CA SER B 275 -17.05 14.41 20.68
C SER B 275 -16.86 12.99 20.13
N ILE B 276 -16.17 12.15 20.90
CA ILE B 276 -16.00 10.69 20.60
C ILE B 276 -17.36 10.01 20.83
N VAL B 277 -17.86 9.29 19.83
CA VAL B 277 -19.12 8.50 19.91
C VAL B 277 -18.85 7.08 19.40
N LEU B 278 -19.25 6.08 20.18
CA LEU B 278 -19.45 4.68 19.73
C LEU B 278 -20.85 4.25 20.19
N LYS B 279 -21.69 3.74 19.29
CA LYS B 279 -23.05 3.30 19.65
C LYS B 279 -23.51 2.16 18.73
N ASP B 280 -24.44 1.35 19.22
CA ASP B 280 -25.20 0.35 18.42
C ASP B 280 -25.93 1.12 17.32
N HIS B 281 -25.82 0.64 16.07
CA HIS B 281 -26.49 1.21 14.86
C HIS B 281 -28.01 1.03 14.97
N ALA B 282 -28.45 0.01 15.73
CA ALA B 282 -29.87 -0.27 16.07
C ALA B 282 -30.54 0.97 16.68
N ASN B 283 -29.82 1.71 17.54
CA ASN B 283 -30.32 2.89 18.28
C ASN B 283 -30.13 4.14 17.41
N ASP B 284 -31.23 4.82 17.06
CA ASP B 284 -31.24 6.15 16.38
C ASP B 284 -31.14 7.24 17.43
N ASP B 285 -30.17 8.16 17.28
CA ASP B 285 -29.92 9.29 18.23
C ASP B 285 -30.40 10.60 17.59
N GLY B 286 -31.02 10.53 16.40
CA GLY B 286 -31.64 11.66 15.70
C GLY B 286 -30.71 12.35 14.72
N THR B 287 -29.56 11.73 14.38
CA THR B 287 -28.50 12.33 13.54
C THR B 287 -28.80 12.02 12.05
N ILE B 288 -28.63 13.03 11.19
CA ILE B 288 -28.83 12.92 9.71
C ILE B 288 -27.54 12.37 9.10
N VAL B 289 -27.52 11.06 8.81
CA VAL B 289 -26.32 10.31 8.32
C VAL B 289 -26.23 10.47 6.80
N PRO B 290 -25.18 11.16 6.27
CA PRO B 290 -25.00 11.29 4.82
C PRO B 290 -25.12 9.96 4.08
N GLU B 291 -26.07 9.86 3.13
CA GLU B 291 -26.29 8.65 2.29
C GLU B 291 -25.06 8.45 1.39
N GLN B 292 -24.40 7.28 1.49
CA GLN B 292 -23.17 6.95 0.73
C GLN B 292 -23.51 6.83 -0.76
N GLU B 293 -22.71 7.47 -1.63
CA GLU B 293 -22.89 7.47 -3.10
C GLU B 293 -22.66 6.05 -3.64
N GLU B 294 -23.62 5.52 -4.41
CA GLU B 294 -23.61 4.15 -4.98
C GLU B 294 -22.25 3.89 -5.65
N THR B 295 -21.65 2.73 -5.37
CA THR B 295 -20.30 2.32 -5.86
C THR B 295 -20.37 2.08 -7.36
N PRO B 296 -19.38 2.55 -8.15
CA PRO B 296 -19.35 2.29 -9.59
C PRO B 296 -18.94 0.83 -9.86
N GLU B 297 -19.54 0.19 -10.86
CA GLU B 297 -19.24 -1.22 -11.26
C GLU B 297 -17.75 -1.31 -11.61
N PRO B 298 -17.01 -2.30 -11.08
CA PRO B 298 -15.60 -2.47 -11.43
C PRO B 298 -15.38 -3.15 -12.78
N THR B 299 -14.11 -3.27 -13.20
CA THR B 299 -13.67 -4.08 -14.36
C THR B 299 -13.53 -5.54 -13.90
N TRP B 300 -14.56 -6.36 -14.16
CA TRP B 300 -14.64 -7.79 -13.75
C TRP B 300 -13.75 -8.66 -14.65
N SER B 301 -12.61 -9.11 -14.13
CA SER B 301 -11.63 -9.96 -14.86
C SER B 301 -12.23 -11.36 -15.08
N ALA B 302 -11.77 -12.06 -16.12
CA ALA B 302 -12.30 -13.37 -16.57
C ALA B 302 -12.24 -14.39 -15.42
N VAL B 303 -13.15 -15.36 -15.43
CA VAL B 303 -13.25 -16.45 -14.41
C VAL B 303 -11.97 -17.30 -14.44
N ASP B 304 -11.30 -17.38 -15.59
CA ASP B 304 -10.09 -18.21 -15.83
C ASP B 304 -8.81 -17.37 -15.67
N SER B 305 -8.94 -16.06 -15.41
CA SER B 305 -7.83 -15.06 -15.44
C SER B 305 -6.74 -15.39 -14.42
N GLU B 306 -5.53 -14.86 -14.62
CA GLU B 306 -4.38 -14.96 -13.68
C GLU B 306 -4.71 -14.15 -12.41
N ASP B 307 -5.46 -13.06 -12.54
CA ASP B 307 -5.85 -12.16 -11.42
C ASP B 307 -7.34 -12.38 -11.08
N ASN B 308 -7.75 -13.65 -10.94
CA ASN B 308 -9.04 -14.06 -10.31
C ASN B 308 -8.76 -14.54 -8.88
N LEU B 309 -7.52 -14.98 -8.60
CA LEU B 309 -7.00 -15.33 -7.25
C LEU B 309 -7.65 -16.61 -6.71
N TRP B 310 -8.95 -16.83 -6.98
CA TRP B 310 -9.72 -18.02 -6.53
C TRP B 310 -9.49 -19.21 -7.46
N HIS B 311 -9.39 -18.98 -8.78
CA HIS B 311 -9.18 -20.01 -9.82
C HIS B 311 -7.94 -20.84 -9.49
N SER B 312 -6.91 -20.20 -8.92
CA SER B 312 -5.61 -20.80 -8.51
C SER B 312 -5.74 -21.68 -7.26
N VAL B 313 -6.86 -21.59 -6.53
CA VAL B 313 -7.05 -22.25 -5.20
C VAL B 313 -7.60 -23.68 -5.38
N THR B 314 -6.82 -24.68 -4.99
CA THR B 314 -7.28 -26.04 -4.63
C THR B 314 -7.73 -26.00 -3.16
N PHE B 315 -8.99 -26.32 -2.88
CA PHE B 315 -9.63 -26.18 -1.55
C PHE B 315 -10.12 -27.53 -1.05
N THR B 316 -10.07 -27.72 0.27
CA THR B 316 -10.86 -28.72 1.03
C THR B 316 -12.18 -28.05 1.44
N ASN B 317 -13.12 -28.82 2.00
CA ASN B 317 -14.47 -28.33 2.39
C ASN B 317 -14.79 -28.76 3.82
N GLU B 318 -15.70 -28.01 4.46
CA GLU B 318 -16.07 -28.14 5.89
C GLU B 318 -17.52 -27.68 6.03
N PHE B 319 -18.30 -28.34 6.89
CA PHE B 319 -19.77 -28.13 7.02
C PHE B 319 -20.16 -28.08 8.50
N TYR B 320 -21.09 -27.17 8.81
CA TYR B 320 -21.89 -27.13 10.06
C TYR B 320 -23.37 -27.14 9.67
N TYR B 321 -23.86 -28.31 9.27
CA TYR B 321 -25.26 -28.59 8.86
C TYR B 321 -26.00 -29.15 10.07
N ALA B 322 -26.77 -28.29 10.76
CA ALA B 322 -27.37 -28.57 12.09
C ALA B 322 -28.76 -27.95 12.20
N PRO B 323 -29.85 -28.71 11.90
CA PRO B 323 -31.20 -28.25 12.20
C PRO B 323 -31.45 -28.29 13.71
N GLY B 324 -31.88 -27.17 14.29
CA GLY B 324 -32.05 -27.00 15.74
C GLY B 324 -30.74 -27.18 16.51
N TRP B 325 -29.62 -26.71 15.94
CA TRP B 325 -28.25 -26.73 16.53
C TRP B 325 -27.81 -28.16 16.85
N ASN B 326 -28.37 -29.16 16.15
CA ASN B 326 -28.02 -30.60 16.30
C ASN B 326 -27.35 -31.05 15.01
N PRO B 327 -26.00 -31.20 14.99
CA PRO B 327 -25.27 -31.45 13.74
C PRO B 327 -25.57 -32.83 13.14
N ILE B 328 -25.89 -32.86 11.83
CA ILE B 328 -26.22 -34.09 11.06
C ILE B 328 -25.13 -34.30 9.99
N ALA B 329 -25.27 -35.36 9.17
CA ALA B 329 -24.30 -35.77 8.13
C ALA B 329 -24.10 -34.64 7.10
N ASN B 330 -22.87 -34.45 6.63
CA ASN B 330 -22.48 -33.39 5.66
C ASN B 330 -23.36 -33.51 4.41
N PRO B 331 -23.79 -32.37 3.81
CA PRO B 331 -24.58 -32.40 2.58
C PRO B 331 -23.72 -32.80 1.38
N ALA B 332 -24.33 -33.44 0.37
CA ALA B 332 -23.66 -33.93 -0.86
C ALA B 332 -23.16 -32.74 -1.67
N LEU B 333 -21.88 -32.77 -2.07
CA LEU B 333 -21.19 -31.69 -2.82
C LEU B 333 -20.68 -32.25 -4.15
N ASN B 334 -20.90 -31.51 -5.25
CA ASN B 334 -20.37 -31.82 -6.59
C ASN B 334 -19.52 -30.64 -7.08
N ILE B 335 -18.27 -30.92 -7.46
CA ILE B 335 -17.33 -29.91 -8.04
C ILE B 335 -17.12 -30.26 -9.52
N ASP B 336 -17.58 -29.39 -10.42
CA ASP B 336 -17.45 -29.53 -11.90
C ASP B 336 -16.93 -28.21 -12.46
N GLY B 337 -15.60 -28.05 -12.49
CA GLY B 337 -14.88 -26.92 -13.12
C GLY B 337 -15.42 -25.56 -12.73
N ALA B 338 -15.35 -25.22 -11.43
CA ALA B 338 -15.68 -23.89 -10.86
C ALA B 338 -17.20 -23.67 -10.76
N THR B 339 -17.99 -24.75 -10.82
CA THR B 339 -19.45 -24.76 -10.53
C THR B 339 -19.72 -25.83 -9.46
N TYR B 340 -20.17 -25.40 -8.28
CA TYR B 340 -20.35 -26.25 -7.07
C TYR B 340 -21.85 -26.48 -6.83
N THR B 341 -22.27 -27.74 -6.76
CA THR B 341 -23.68 -28.18 -6.57
C THR B 341 -23.82 -28.86 -5.20
N LEU B 342 -24.69 -28.31 -4.34
CA LEU B 342 -24.91 -28.76 -2.93
C LEU B 342 -26.35 -29.26 -2.78
N ASN B 343 -26.55 -30.25 -1.90
CA ASN B 343 -27.88 -30.89 -1.65
C ASN B 343 -28.14 -30.96 -0.14
N PHE B 344 -29.12 -30.18 0.33
CA PHE B 344 -29.60 -30.13 1.73
C PHE B 344 -30.98 -30.77 1.80
N PRO B 345 -31.08 -32.10 2.09
CA PRO B 345 -32.38 -32.77 2.15
C PRO B 345 -33.27 -32.21 3.27
N THR B 346 -32.77 -32.20 4.51
CA THR B 346 -33.47 -31.71 5.72
C THR B 346 -33.48 -30.16 5.71
N ALA B 347 -34.43 -29.55 6.41
CA ALA B 347 -34.59 -28.08 6.52
C ALA B 347 -34.00 -27.58 7.85
N THR B 348 -33.61 -26.30 7.91
CA THR B 348 -33.03 -25.64 9.11
C THR B 348 -33.92 -24.45 9.52
N ASN B 349 -34.02 -24.17 10.81
CA ASN B 349 -34.92 -23.15 11.40
C ASN B 349 -34.45 -21.74 11.01
N GLU B 350 -33.27 -21.32 11.50
CA GLU B 350 -32.78 -19.91 11.45
C GLU B 350 -31.33 -19.86 10.95
N LYS B 351 -30.63 -18.75 11.20
CA LYS B 351 -29.32 -18.37 10.60
C LYS B 351 -28.16 -19.09 11.30
N TRP B 352 -27.05 -19.30 10.59
CA TRP B 352 -25.79 -19.94 11.04
C TRP B 352 -25.97 -21.45 11.25
N GLN B 353 -27.04 -22.04 10.70
CA GLN B 353 -27.45 -23.45 10.99
C GLN B 353 -26.95 -24.42 9.91
N ASN B 354 -26.67 -23.94 8.69
CA ASN B 354 -25.94 -24.76 7.67
C ASN B 354 -24.89 -23.88 6.98
N GLN B 355 -23.64 -24.00 7.46
CA GLN B 355 -22.46 -23.25 6.95
C GLN B 355 -21.72 -24.16 5.97
N VAL B 356 -21.32 -23.61 4.82
CA VAL B 356 -20.52 -24.32 3.78
C VAL B 356 -19.22 -23.54 3.56
N THR B 357 -18.09 -24.14 3.96
CA THR B 357 -16.75 -23.48 4.05
C THR B 357 -15.82 -24.05 2.97
N PHE B 358 -15.22 -23.16 2.18
CA PHE B 358 -14.16 -23.46 1.17
C PHE B 358 -12.80 -23.07 1.76
N ILE B 359 -12.06 -24.04 2.32
CA ILE B 359 -10.75 -23.80 3.00
C ILE B 359 -9.65 -23.79 1.91
N SER B 360 -9.04 -22.63 1.68
CA SER B 360 -7.97 -22.42 0.66
C SER B 360 -6.67 -23.07 1.11
N ASP B 361 -5.85 -23.51 0.14
CA ASP B 361 -4.39 -23.67 0.28
C ASP B 361 -3.75 -22.30 0.08
N ALA B 362 -3.09 -21.77 1.10
CA ALA B 362 -2.21 -20.57 1.05
C ALA B 362 -2.81 -19.45 0.19
N LEU B 363 -4.10 -19.12 0.35
CA LEU B 363 -4.71 -17.87 -0.20
C LEU B 363 -4.56 -16.76 0.84
N THR B 364 -4.14 -15.57 0.38
CA THR B 364 -3.63 -14.46 1.22
C THR B 364 -4.43 -13.19 0.88
N ALA B 365 -4.64 -12.33 1.87
CA ALA B 365 -5.23 -10.97 1.72
C ALA B 365 -4.35 -9.98 2.48
N SER B 366 -4.26 -8.74 2.00
CA SER B 366 -3.42 -7.64 2.57
C SER B 366 -4.31 -6.45 2.95
N ALA B 367 -3.95 -5.76 4.04
CA ALA B 367 -4.66 -4.57 4.57
C ALA B 367 -4.32 -3.33 3.71
N GLU B 368 -3.27 -3.43 2.88
CA GLU B 368 -2.77 -2.33 2.02
C GLU B 368 -3.40 -2.43 0.63
N GLU B 369 -4.38 -3.34 0.45
CA GLU B 369 -5.06 -3.62 -0.84
C GLU B 369 -6.58 -3.66 -0.64
N ASN B 370 -7.35 -3.13 -1.62
CA ASN B 370 -8.82 -3.28 -1.73
C ASN B 370 -9.13 -4.46 -2.66
N TYR B 371 -10.35 -4.99 -2.60
CA TYR B 371 -10.78 -6.22 -3.34
C TYR B 371 -12.21 -6.06 -3.86
N ASP B 372 -12.47 -6.66 -5.03
CA ASP B 372 -13.83 -6.82 -5.63
C ASP B 372 -14.18 -8.31 -5.57
N PHE B 373 -15.45 -8.63 -5.26
CA PHE B 373 -15.96 -10.02 -5.10
C PHE B 373 -17.33 -10.16 -5.76
N ARG B 374 -17.49 -11.20 -6.60
CA ARG B 374 -18.78 -11.63 -7.21
C ARG B 374 -18.88 -13.16 -7.10
N VAL B 375 -20.09 -13.67 -6.85
CA VAL B 375 -20.41 -15.12 -6.91
C VAL B 375 -21.88 -15.27 -7.35
N ILE B 376 -22.14 -16.20 -8.29
CA ILE B 376 -23.48 -16.49 -8.87
C ILE B 376 -24.15 -17.56 -8.01
N LEU B 377 -25.12 -17.15 -7.19
CA LEU B 377 -25.90 -18.06 -6.30
C LEU B 377 -27.24 -18.42 -6.96
N ASN B 378 -27.68 -19.67 -6.76
CA ASN B 378 -28.98 -20.19 -7.28
C ASN B 378 -29.47 -21.29 -6.34
N ALA B 379 -30.54 -21.02 -5.58
CA ALA B 379 -31.27 -21.99 -4.73
C ALA B 379 -32.55 -22.40 -5.46
N SER B 380 -32.94 -23.67 -5.31
CA SER B 380 -34.18 -24.24 -5.91
C SER B 380 -35.41 -23.72 -5.17
N ASN B 381 -35.37 -23.70 -3.84
CA ASN B 381 -36.43 -23.15 -2.95
C ASN B 381 -36.03 -21.73 -2.50
N ASP B 382 -36.98 -20.98 -1.94
CA ASP B 382 -36.76 -19.63 -1.36
C ASP B 382 -35.86 -19.78 -0.11
N ILE B 383 -34.95 -18.82 0.09
CA ILE B 383 -34.07 -18.73 1.29
C ILE B 383 -34.04 -17.25 1.72
N SER B 384 -34.44 -16.97 2.97
CA SER B 384 -34.69 -15.61 3.51
C SER B 384 -33.39 -14.80 3.56
N SER B 385 -32.44 -15.22 4.42
CA SER B 385 -31.23 -14.44 4.81
C SER B 385 -29.98 -15.31 4.68
N ALA B 386 -29.26 -15.18 3.55
CA ALA B 386 -27.99 -15.91 3.25
C ALA B 386 -26.80 -14.97 3.49
N THR B 387 -25.66 -15.54 3.89
CA THR B 387 -24.45 -14.82 4.32
C THR B 387 -23.20 -15.37 3.60
N ILE B 388 -22.32 -14.47 3.16
CA ILE B 388 -20.97 -14.81 2.62
C ILE B 388 -19.92 -14.00 3.37
N LYS B 389 -18.73 -14.56 3.59
CA LYS B 389 -17.67 -13.95 4.44
C LYS B 389 -16.30 -14.52 4.05
N LEU B 390 -15.41 -13.67 3.55
CA LEU B 390 -13.99 -14.03 3.27
C LEU B 390 -13.17 -13.73 4.54
N VAL B 391 -12.74 -14.78 5.24
CA VAL B 391 -12.29 -14.73 6.66
C VAL B 391 -10.98 -15.49 6.82
N GLN B 392 -10.21 -15.14 7.85
CA GLN B 392 -8.97 -15.85 8.29
C GLN B 392 -9.36 -17.24 8.81
N VAL B 393 -8.54 -18.25 8.53
CA VAL B 393 -8.71 -19.65 9.02
C VAL B 393 -8.17 -19.73 10.45
N GLY B 394 -8.73 -20.62 11.27
CA GLY B 394 -8.23 -20.92 12.62
C GLY B 394 -9.36 -21.11 13.62
N GLY B 395 -10.48 -20.40 13.42
CA GLY B 395 -11.61 -20.34 14.37
C GLY B 395 -11.31 -19.37 15.51
N GLY B 396 -12.25 -19.24 16.46
CA GLY B 396 -12.16 -18.30 17.60
C GLY B 396 -11.87 -16.88 17.13
N ASP B 397 -10.81 -16.27 17.67
CA ASP B 397 -10.28 -14.93 17.30
C ASP B 397 -10.42 -14.68 15.79
N ASN B 398 -10.01 -15.67 14.99
CA ASN B 398 -9.75 -15.53 13.53
C ASN B 398 -11.04 -15.16 12.78
N ASP B 399 -12.21 -15.50 13.32
CA ASP B 399 -13.54 -15.20 12.71
C ASP B 399 -13.74 -13.67 12.61
N ASN B 400 -12.94 -12.88 13.34
CA ASN B 400 -13.07 -11.40 13.42
C ASN B 400 -12.11 -10.71 12.44
N ILE B 401 -11.32 -11.47 11.68
CA ILE B 401 -10.41 -10.95 10.60
C ILE B 401 -11.03 -11.33 9.25
N PHE B 402 -11.75 -10.41 8.61
CA PHE B 402 -12.41 -10.68 7.30
C PHE B 402 -12.37 -9.43 6.42
N VAL B 403 -12.34 -9.66 5.10
CA VAL B 403 -12.29 -8.60 4.04
C VAL B 403 -13.69 -8.02 3.91
N PHE B 404 -14.72 -8.85 4.05
CA PHE B 404 -16.15 -8.47 3.92
C PHE B 404 -17.03 -9.49 4.62
N LEU B 405 -18.17 -9.01 5.14
CA LEU B 405 -19.30 -9.83 5.66
C LEU B 405 -20.57 -9.32 4.97
N LEU B 406 -21.03 -10.04 3.94
CA LEU B 406 -22.25 -9.72 3.18
C LEU B 406 -23.42 -10.48 3.83
N GLU B 407 -24.37 -9.74 4.42
CA GLU B 407 -25.55 -10.28 5.15
C GLU B 407 -26.82 -9.97 4.34
N ASP B 408 -27.94 -10.62 4.71
CA ASP B 408 -29.31 -10.30 4.24
C ASP B 408 -29.40 -10.44 2.72
N VAL B 409 -28.95 -11.58 2.18
CA VAL B 409 -28.93 -11.88 0.72
C VAL B 409 -30.15 -12.75 0.38
N LYS B 410 -31.25 -12.13 -0.04
CA LYS B 410 -32.51 -12.81 -0.45
C LYS B 410 -32.25 -13.53 -1.78
N LEU B 411 -32.22 -14.87 -1.76
CA LEU B 411 -32.03 -15.73 -2.97
C LEU B 411 -33.41 -16.18 -3.49
N THR B 412 -33.91 -15.51 -4.54
CA THR B 412 -35.25 -15.73 -5.15
C THR B 412 -35.24 -17.05 -5.92
N ALA B 413 -35.95 -18.07 -5.40
CA ALA B 413 -36.02 -19.46 -5.90
C ALA B 413 -35.94 -19.51 -7.43
N GLY B 414 -34.86 -20.06 -7.98
CA GLY B 414 -34.69 -20.35 -9.41
C GLY B 414 -34.12 -19.18 -10.21
N GLU B 415 -33.85 -18.05 -9.56
CA GLU B 415 -33.20 -16.86 -10.19
C GLU B 415 -31.68 -16.98 -10.02
N ASP B 416 -30.91 -16.44 -10.97
CA ASP B 416 -29.42 -16.37 -10.92
C ASP B 416 -29.02 -15.07 -10.21
N VAL B 417 -28.78 -15.16 -8.90
CA VAL B 417 -28.48 -14.00 -8.01
C VAL B 417 -26.96 -13.83 -7.90
N THR B 418 -26.44 -12.66 -8.30
CA THR B 418 -25.02 -12.27 -8.13
C THR B 418 -24.89 -11.49 -6.82
N ALA B 419 -24.27 -12.11 -5.81
CA ALA B 419 -23.88 -11.47 -4.54
C ALA B 419 -22.51 -10.81 -4.73
N LYS B 420 -22.48 -9.48 -4.81
CA LYS B 420 -21.24 -8.72 -5.15
C LYS B 420 -20.88 -7.78 -3.99
N VAL B 421 -19.58 -7.47 -3.88
CA VAL B 421 -18.96 -6.52 -2.91
C VAL B 421 -17.86 -5.77 -3.66
N ILE B 422 -17.96 -4.44 -3.77
CA ILE B 422 -17.09 -3.60 -4.64
C ILE B 422 -16.15 -2.75 -3.77
N ASN B 423 -14.84 -2.82 -4.06
CA ASN B 423 -13.79 -1.93 -3.48
C ASN B 423 -13.81 -2.06 -1.95
N ALA B 424 -14.02 -3.28 -1.44
CA ALA B 424 -13.96 -3.62 0.00
C ALA B 424 -12.51 -3.49 0.47
N LYS B 425 -12.28 -2.79 1.58
CA LYS B 425 -10.93 -2.64 2.21
C LYS B 425 -10.51 -4.03 2.70
N GLY B 426 -9.26 -4.41 2.46
CA GLY B 426 -8.69 -5.72 2.83
C GLY B 426 -8.21 -5.73 4.27
N VAL B 427 -7.78 -6.91 4.74
CA VAL B 427 -7.19 -7.14 6.10
C VAL B 427 -6.12 -8.22 5.95
N ASP B 428 -5.14 -8.24 6.86
CA ASP B 428 -3.98 -9.17 6.81
C ASP B 428 -4.47 -10.58 7.16
N ILE B 429 -4.58 -11.45 6.14
CA ILE B 429 -4.95 -12.89 6.27
C ILE B 429 -3.75 -13.74 5.83
N THR B 430 -3.30 -14.63 6.71
CA THR B 430 -2.15 -15.54 6.46
C THR B 430 -2.62 -16.67 5.53
N GLN B 431 -3.79 -17.25 5.79
CA GLN B 431 -4.50 -18.15 4.83
C GLN B 431 -6.01 -17.99 5.02
N ALA B 432 -6.75 -17.84 3.92
CA ALA B 432 -8.19 -17.51 3.89
C ALA B 432 -9.04 -18.78 3.70
N LYS B 433 -10.23 -18.76 4.28
CA LYS B 433 -11.37 -19.66 3.93
C LYS B 433 -12.52 -18.75 3.48
N LEU B 434 -13.40 -19.28 2.63
CA LEU B 434 -14.62 -18.58 2.14
C LEU B 434 -15.83 -19.31 2.72
N VAL B 435 -16.64 -18.61 3.53
CA VAL B 435 -17.77 -19.20 4.30
C VAL B 435 -19.09 -18.69 3.73
N PHE B 436 -19.96 -19.61 3.31
CA PHE B 436 -21.38 -19.37 2.92
C PHE B 436 -22.29 -19.88 4.04
N ASP B 437 -23.46 -19.28 4.20
CA ASP B 437 -24.53 -19.77 5.11
C ASP B 437 -25.89 -19.63 4.41
N PHE B 438 -26.73 -20.67 4.53
CA PHE B 438 -28.08 -20.76 3.93
C PHE B 438 -29.10 -21.13 5.00
N GLY B 439 -28.90 -20.63 6.23
CA GLY B 439 -29.79 -20.88 7.39
C GLY B 439 -31.21 -20.46 7.10
N GLY B 440 -32.18 -21.34 7.37
CA GLY B 440 -33.62 -21.13 7.11
C GLY B 440 -34.10 -21.83 5.85
N ASN B 441 -33.22 -22.62 5.20
CA ASN B 441 -33.52 -23.31 3.92
C ASN B 441 -34.64 -24.33 4.13
N PRO B 442 -35.67 -24.35 3.26
CA PRO B 442 -36.67 -25.42 3.27
C PRO B 442 -36.07 -26.81 2.97
N ALA B 443 -36.91 -27.85 3.00
CA ALA B 443 -36.53 -29.26 2.75
C ALA B 443 -36.12 -29.43 1.28
N ASN B 444 -35.37 -30.50 0.98
CA ASN B 444 -34.85 -30.89 -0.36
C ASN B 444 -34.48 -29.64 -1.17
N THR B 445 -33.43 -28.93 -0.75
CA THR B 445 -32.91 -27.69 -1.40
C THR B 445 -31.56 -27.99 -2.07
N GLU B 446 -31.47 -27.73 -3.38
CA GLU B 446 -30.22 -27.74 -4.18
C GLU B 446 -29.72 -26.29 -4.30
N VAL B 447 -28.42 -26.07 -4.18
CA VAL B 447 -27.79 -24.73 -4.33
C VAL B 447 -26.59 -24.83 -5.29
N ILE B 448 -26.43 -23.82 -6.15
CA ILE B 448 -25.29 -23.69 -7.12
C ILE B 448 -24.46 -22.46 -6.71
N ILE B 449 -23.22 -22.69 -6.25
CA ILE B 449 -22.16 -21.65 -6.17
C ILE B 449 -21.40 -21.71 -7.51
N LYS B 450 -21.59 -20.70 -8.36
CA LYS B 450 -21.07 -20.66 -9.75
C LYS B 450 -20.13 -19.46 -9.91
N ASP B 451 -18.91 -19.71 -10.43
CA ASP B 451 -17.98 -18.68 -10.97
C ASP B 451 -17.63 -17.65 -9.89
N ILE B 452 -16.64 -17.96 -9.05
CA ILE B 452 -16.10 -17.05 -8.00
C ILE B 452 -15.02 -16.17 -8.63
N ILE B 453 -15.07 -14.86 -8.38
CA ILE B 453 -14.03 -13.87 -8.79
C ILE B 453 -13.63 -13.04 -7.56
N LEU B 454 -12.40 -13.23 -7.06
CA LEU B 454 -11.78 -12.42 -5.99
C LEU B 454 -10.66 -11.57 -6.61
N GLN B 455 -10.96 -10.32 -6.94
CA GLN B 455 -10.05 -9.37 -7.62
C GLN B 455 -9.33 -8.48 -6.60
N LYS B 456 -8.11 -8.03 -6.91
CA LYS B 456 -7.57 -6.73 -6.45
C LYS B 456 -8.30 -5.65 -7.24
N HIS B 457 -8.87 -4.65 -6.56
CA HIS B 457 -9.81 -3.65 -7.16
C HIS B 457 -9.34 -3.21 -8.55
N LYS B 458 -10.23 -3.30 -9.54
CA LYS B 458 -10.02 -2.78 -10.93
C LYS B 458 -11.16 -1.80 -11.26
N ASP B 459 -10.86 -0.75 -12.03
CA ASP B 459 -11.81 0.33 -12.44
C ASP B 459 -12.14 1.20 -11.23
#